data_2OKC
#
_entry.id   2OKC
#
_cell.length_a   75.440
_cell.length_b   85.850
_cell.length_c   152.810
_cell.angle_alpha   90.000
_cell.angle_beta   90.000
_cell.angle_gamma   90.000
#
_symmetry.space_group_name_H-M   'P 21 21 21'
#
loop_
_entity.id
_entity.type
_entity.pdbx_description
1 polymer 'Type I restriction enzyme StySJI M protein'
2 non-polymer S-ADENOSYLMETHIONINE
3 non-polymer GLYCEROL
4 non-polymer 'ISOPROPYL ALCOHOL'
5 non-polymer 'CHLORIDE ION'
6 water water
#
_entity_poly.entity_id   1
_entity_poly.type   'polypeptide(L)'
_entity_poly.pdbx_seq_one_letter_code
;G(MSE)ATNSSTEQSLTKKVWNLATTLAGQGIGFTDYITQLTYLLFLK(MSE)DAENVE(MSE)FGEESAIPTGYQWADL
IAFDGLDLVKQYEETLKLLSELDNLIGTIYTKAQNKIDKPVYLKKVIT(MSE)IDEEQWLI(MSE)DGDVKGAIYESILE
KNGQDKKSGAGQYFTPRPLIQA(MSE)VDCINPQ(MSE)GETVCDPACGTGGFLLTAYDY(MSE)KGQSASKEKRDFLRD
KALHGVDNTPLVVTLAS(MSE)NLYLHGIGTDRSPIVCEDSLEKEPSTLVDVILANPPFGTRPAGSVDINRPDFYVETKN
NQLNFLQH(MSE)(MSE)L(MSE)LKTGGRAAVVLPDNVLFEAGAGETIRKRLLQDFNLHTILRLPTGIFYAQGVKANVL
FFSKGQPTKEIWFYDYRTDIKHTLATNKLERHHLDDFVSCYNNRVEIYDAENNPQGRWRKYPVDEIIARDKTSLDITWIK
PGGEVDDRSLAEL
;
_entity_poly.pdbx_strand_id   A,B
#
# COMPACT_ATOMS: atom_id res chain seq x y z
N GLN A 10 -0.59 -2.39 -8.50
CA GLN A 10 -0.08 -1.18 -9.21
C GLN A 10 -0.09 0.03 -8.27
N SER A 11 1.02 0.20 -7.52
CA SER A 11 1.07 1.12 -6.34
C SER A 11 0.30 0.57 -5.12
N LEU A 12 -0.70 -0.26 -5.39
CA LEU A 12 -1.34 -1.03 -4.34
C LEU A 12 -0.39 -2.16 -4.00
N THR A 13 0.28 -2.70 -5.02
CA THR A 13 1.31 -3.72 -4.84
C THR A 13 2.47 -3.20 -3.99
N LYS A 14 2.91 -1.96 -4.21
CA LYS A 14 4.02 -1.40 -3.41
C LYS A 14 3.68 -1.29 -1.91
N LYS A 15 2.48 -0.81 -1.61
CA LYS A 15 1.96 -0.72 -0.24
C LYS A 15 1.86 -2.11 0.43
N VAL A 16 1.43 -3.10 -0.34
CA VAL A 16 1.40 -4.49 0.16
C VAL A 16 2.82 -4.97 0.48
N TRP A 17 3.78 -4.67 -0.41
CA TRP A 17 5.20 -5.02 -0.19
C TRP A 17 5.88 -4.29 0.99
N ASN A 18 5.55 -3.03 1.25
CA ASN A 18 6.16 -2.34 2.39
C ASN A 18 5.63 -2.81 3.75
N LEU A 19 4.36 -3.19 3.82
CA LEU A 19 3.87 -3.74 5.07
C LEU A 19 4.52 -5.10 5.32
N ALA A 20 4.88 -5.80 4.25
CA ALA A 20 5.59 -7.08 4.36
C ALA A 20 6.95 -6.97 5.06
N THR A 21 7.78 -6.05 4.62
CA THR A 21 9.08 -5.85 5.26
C THR A 21 8.96 -5.33 6.71
N THR A 22 7.92 -4.55 7.00
CA THR A 22 7.70 -4.01 8.35
C THR A 22 7.38 -5.16 9.34
N LEU A 23 6.51 -6.08 8.93
CA LEU A 23 6.20 -7.22 9.77
C LEU A 23 7.40 -8.16 9.84
N ALA A 24 8.16 -8.21 8.74
CA ALA A 24 9.44 -8.93 8.71
C ALA A 24 10.33 -8.35 9.82
N GLY A 25 10.31 -7.04 9.97
CA GLY A 25 10.96 -6.32 11.08
C GLY A 25 10.59 -6.85 12.47
N GLN A 26 9.32 -7.15 12.69
CA GLN A 26 8.96 -8.04 13.79
C GLN A 26 9.27 -9.44 13.26
N GLY A 27 8.92 -10.50 13.96
CA GLY A 27 9.31 -11.84 13.50
C GLY A 27 8.44 -12.47 12.42
N ILE A 28 7.77 -11.65 11.59
CA ILE A 28 6.67 -12.15 10.76
C ILE A 28 7.07 -12.22 9.28
N GLY A 29 7.15 -13.46 8.78
CA GLY A 29 7.61 -13.74 7.42
C GLY A 29 6.56 -13.57 6.33
N PHE A 30 7.03 -13.52 5.09
CA PHE A 30 6.23 -13.12 3.93
C PHE A 30 5.07 -14.06 3.67
N THR A 31 5.32 -15.36 3.73
CA THR A 31 4.27 -16.35 3.52
C THR A 31 3.18 -16.21 4.59
N ASP A 32 3.60 -16.05 5.86
CA ASP A 32 2.66 -15.83 6.97
C ASP A 32 1.84 -14.53 6.80
N TYR A 33 2.52 -13.39 6.64
CA TYR A 33 1.88 -12.12 6.23
C TYR A 33 0.80 -12.30 5.15
N ILE A 34 1.10 -13.07 4.11
CA ILE A 34 0.23 -13.17 2.93
C ILE A 34 -0.99 -14.01 3.21
N THR A 35 -0.84 -15.00 4.05
CA THR A 35 -1.99 -15.78 4.49
C THR A 35 -2.92 -14.87 5.33
N GLN A 36 -2.37 -14.14 6.32
CA GLN A 36 -3.20 -13.22 7.12
C GLN A 36 -3.87 -12.13 6.29
N LEU A 37 -3.15 -11.54 5.35
CA LEU A 37 -3.72 -10.61 4.34
C LEU A 37 -4.89 -11.23 3.57
N THR A 38 -4.78 -12.51 3.21
CA THR A 38 -5.82 -13.24 2.49
C THR A 38 -7.07 -13.49 3.32
N TYR A 39 -6.87 -13.93 4.56
CA TYR A 39 -7.95 -14.08 5.55
C TYR A 39 -8.75 -12.78 5.75
N LEU A 40 -8.03 -11.68 5.89
CA LEU A 40 -8.65 -10.36 6.05
C LEU A 40 -9.29 -9.84 4.78
N LEU A 41 -8.63 -10.02 3.65
CA LEU A 41 -9.15 -9.60 2.36
C LEU A 41 -10.50 -10.24 2.01
N PHE A 42 -10.62 -11.57 2.18
CA PHE A 42 -11.88 -12.25 1.90
C PHE A 42 -13.02 -11.73 2.82
N LEU A 43 -12.68 -11.46 4.06
CA LEU A 43 -13.65 -10.95 5.01
C LEU A 43 -14.10 -9.54 4.61
N LYS A 44 -13.18 -8.65 4.32
CA LYS A 44 -13.52 -7.30 3.84
C LYS A 44 -14.42 -7.38 2.57
N ASP A 46 -16.40 -9.55 1.59
CA ASP A 46 -17.72 -10.06 1.87
C ASP A 46 -18.61 -8.92 2.28
N ALA A 47 -18.09 -8.10 3.19
CA ALA A 47 -18.81 -6.94 3.66
C ALA A 47 -19.11 -6.06 2.48
N GLU A 48 -18.09 -5.70 1.70
CA GLU A 48 -18.34 -4.89 0.51
C GLU A 48 -19.49 -5.43 -0.32
N ASN A 49 -19.51 -6.73 -0.57
CA ASN A 49 -20.61 -7.34 -1.32
C ASN A 49 -22.01 -7.18 -0.70
N VAL A 50 -22.08 -6.96 0.62
CA VAL A 50 -23.36 -6.69 1.31
C VAL A 50 -23.93 -5.29 0.93
N GLU A 51 -23.06 -4.28 0.83
CA GLU A 51 -23.48 -2.97 0.32
C GLU A 51 -23.62 -3.04 -1.19
N PHE A 53 -24.15 -5.17 -3.47
CA PHE A 53 -25.29 -6.03 -4.08
C PHE A 53 -26.17 -6.66 -3.11
N GLY A 54 -26.63 -5.91 -2.11
CA GLY A 54 -27.81 -6.29 -1.30
C GLY A 54 -27.77 -7.43 -0.29
N GLU A 55 -27.41 -8.64 -0.74
CA GLU A 55 -27.71 -9.93 -0.03
C GLU A 55 -27.00 -10.24 1.31
N GLU A 56 -27.59 -11.17 2.08
CA GLU A 56 -27.17 -11.50 3.46
C GLU A 56 -25.86 -12.32 3.51
N SER A 57 -25.04 -12.03 4.52
CA SER A 57 -23.59 -12.20 4.49
C SER A 57 -22.96 -13.60 4.47
N ALA A 58 -23.59 -14.61 5.06
CA ALA A 58 -22.91 -15.94 5.16
C ALA A 58 -21.80 -16.05 6.25
N ILE A 59 -21.01 -14.98 6.43
CA ILE A 59 -20.20 -14.80 7.64
C ILE A 59 -21.17 -14.65 8.83
N PRO A 60 -20.95 -15.41 9.92
CA PRO A 60 -21.78 -15.30 11.15
C PRO A 60 -21.85 -13.91 11.74
N THR A 61 -22.93 -13.63 12.47
CA THR A 61 -23.10 -12.32 13.10
C THR A 61 -22.26 -12.14 14.36
N GLY A 62 -21.56 -11.01 14.39
CA GLY A 62 -20.63 -10.69 15.47
C GLY A 62 -19.19 -10.76 15.02
N TYR A 63 -18.96 -11.34 13.83
CA TYR A 63 -17.61 -11.65 13.31
C TYR A 63 -17.32 -11.11 11.89
N GLN A 64 -18.23 -10.31 11.34
CA GLN A 64 -18.01 -9.61 10.07
C GLN A 64 -16.94 -8.51 10.18
N TRP A 65 -16.59 -7.91 9.06
CA TRP A 65 -15.51 -6.94 8.98
C TRP A 65 -15.73 -5.77 9.99
N ALA A 66 -16.94 -5.20 10.01
CA ALA A 66 -17.27 -4.09 10.93
C ALA A 66 -17.06 -4.44 12.41
N ASP A 67 -17.35 -5.68 12.80
CA ASP A 67 -17.04 -6.10 14.17
C ASP A 67 -15.52 -6.09 14.44
N LEU A 68 -14.74 -6.49 13.45
CA LEU A 68 -13.29 -6.64 13.64
C LEU A 68 -12.61 -5.29 13.89
N ILE A 69 -12.81 -4.35 12.98
CA ILE A 69 -12.14 -3.05 13.04
C ILE A 69 -12.38 -2.22 14.34
N ALA A 70 -13.37 -2.60 15.13
CA ALA A 70 -13.71 -1.90 16.37
C ALA A 70 -12.81 -2.18 17.59
N PHE A 71 -12.05 -3.26 17.58
CA PHE A 71 -11.21 -3.63 18.72
C PHE A 71 -9.81 -3.07 18.55
N ASP A 72 -9.00 -3.07 19.62
CA ASP A 72 -7.60 -2.61 19.51
C ASP A 72 -6.46 -3.41 20.19
N GLY A 73 -6.73 -4.13 21.27
CA GLY A 73 -5.64 -4.60 22.12
C GLY A 73 -5.39 -6.08 21.95
N LEU A 74 -5.06 -6.74 23.07
CA LEU A 74 -5.11 -8.21 23.12
C LEU A 74 -6.52 -8.67 22.71
N ASP A 75 -7.50 -7.80 22.99
CA ASP A 75 -8.90 -7.89 22.53
C ASP A 75 -9.08 -7.94 21.03
N LEU A 76 -8.35 -7.11 20.29
CA LEU A 76 -8.38 -7.22 18.84
C LEU A 76 -7.86 -8.60 18.40
N VAL A 77 -6.76 -9.04 18.99
CA VAL A 77 -6.14 -10.32 18.64
C VAL A 77 -7.08 -11.49 18.97
N LYS A 78 -7.85 -11.38 20.07
CA LYS A 78 -8.81 -12.42 20.47
C LYS A 78 -10.01 -12.50 19.51
N GLN A 79 -10.62 -11.36 19.18
CA GLN A 79 -11.70 -11.31 18.18
C GLN A 79 -11.29 -11.90 16.83
N TYR A 80 -10.11 -11.49 16.33
CA TYR A 80 -9.59 -12.02 15.07
C TYR A 80 -9.47 -13.55 15.15
N GLU A 81 -8.91 -14.02 16.25
CA GLU A 81 -8.66 -15.46 16.38
C GLU A 81 -9.98 -16.22 16.46
N GLU A 82 -10.92 -15.75 17.29
CA GLU A 82 -12.32 -16.25 17.34
C GLU A 82 -12.95 -16.29 15.93
N THR A 83 -12.77 -15.19 15.19
CA THR A 83 -13.29 -15.10 13.83
C THR A 83 -12.71 -16.20 12.95
N LEU A 84 -11.40 -16.42 13.01
CA LEU A 84 -10.80 -17.45 12.17
C LEU A 84 -11.27 -18.85 12.58
N LYS A 85 -11.52 -19.05 13.87
CA LYS A 85 -12.02 -20.34 14.35
C LYS A 85 -13.39 -20.65 13.72
N LEU A 86 -14.34 -19.72 13.85
CA LEU A 86 -15.68 -19.95 13.30
C LEU A 86 -15.70 -20.13 11.79
N LEU A 87 -14.91 -19.35 11.07
CA LEU A 87 -14.92 -19.49 9.62
C LEU A 87 -14.32 -20.80 9.17
N SER A 88 -13.33 -21.31 9.90
CA SER A 88 -12.68 -22.57 9.55
C SER A 88 -13.65 -23.73 9.77
N GLU A 89 -14.69 -23.50 10.57
CA GLU A 89 -15.67 -24.55 10.84
C GLU A 89 -16.73 -24.63 9.76
N LEU A 90 -16.70 -23.72 8.80
CA LEU A 90 -17.72 -23.68 7.76
C LEU A 90 -17.34 -24.55 6.57
N ASP A 91 -18.29 -24.59 5.62
CA ASP A 91 -18.19 -25.43 4.43
C ASP A 91 -17.92 -24.64 3.15
N ASN A 92 -17.63 -25.39 2.09
CA ASN A 92 -17.52 -24.85 0.73
C ASN A 92 -16.44 -23.81 0.69
N LEU A 93 -16.57 -22.81 -0.20
CA LEU A 93 -15.49 -21.87 -0.45
C LEU A 93 -14.98 -21.25 0.83
N ILE A 94 -15.87 -20.78 1.70
CA ILE A 94 -15.44 -20.07 2.92
C ILE A 94 -14.57 -20.97 3.81
N GLY A 95 -15.08 -22.16 4.13
CA GLY A 95 -14.29 -23.16 4.85
C GLY A 95 -12.95 -23.48 4.22
N THR A 96 -12.89 -23.55 2.90
CA THR A 96 -11.58 -23.74 2.19
C THR A 96 -10.61 -22.56 2.34
N ILE A 97 -11.13 -21.34 2.21
CA ILE A 97 -10.28 -20.16 2.38
C ILE A 97 -9.66 -20.18 3.79
N TYR A 98 -10.48 -20.56 4.78
CA TYR A 98 -10.08 -20.59 6.19
C TYR A 98 -9.66 -21.99 6.69
N THR A 99 -9.04 -22.78 5.83
CA THR A 99 -8.66 -24.16 6.17
C THR A 99 -7.74 -24.14 7.38
N LYS A 100 -8.10 -24.87 8.43
CA LYS A 100 -7.32 -24.88 9.68
C LYS A 100 -6.73 -23.49 9.95
N ALA A 101 -7.55 -22.44 9.81
CA ALA A 101 -7.05 -21.07 9.77
C ALA A 101 -6.37 -20.73 11.07
N GLN A 102 -5.30 -19.93 11.01
CA GLN A 102 -4.52 -19.64 12.20
C GLN A 102 -3.72 -18.37 12.07
N ASN A 103 -3.97 -17.48 13.02
CA ASN A 103 -3.28 -16.20 13.15
C ASN A 103 -1.81 -16.47 13.40
N LYS A 104 -0.95 -15.69 12.75
CA LYS A 104 0.49 -15.78 13.01
C LYS A 104 1.04 -14.44 13.52
N ILE A 105 0.14 -13.47 13.73
CA ILE A 105 0.52 -12.11 14.16
C ILE A 105 0.03 -11.83 15.59
N ASP A 106 0.89 -12.17 16.55
CA ASP A 106 0.59 -12.05 17.99
C ASP A 106 0.56 -10.61 18.49
N LYS A 107 1.02 -9.67 17.66
CA LYS A 107 1.22 -8.28 18.07
C LYS A 107 0.07 -7.38 17.58
N PRO A 108 -0.78 -6.86 18.50
CA PRO A 108 -1.97 -6.07 18.12
C PRO A 108 -1.70 -4.94 17.14
N VAL A 109 -0.73 -4.09 17.48
CA VAL A 109 -0.38 -2.90 16.68
C VAL A 109 -0.14 -3.28 15.23
N TYR A 110 0.61 -4.36 15.01
CA TYR A 110 1.02 -4.77 13.68
C TYR A 110 -0.07 -5.54 12.91
N LEU A 111 -1.03 -6.14 13.64
CA LEU A 111 -2.22 -6.74 13.02
C LEU A 111 -3.12 -5.61 12.54
N LYS A 112 -3.33 -4.62 13.40
CA LYS A 112 -4.16 -3.47 13.09
C LYS A 112 -3.66 -2.76 11.82
N LYS A 113 -2.34 -2.73 11.61
CA LYS A 113 -1.77 -2.19 10.37
C LYS A 113 -2.24 -2.93 9.10
N VAL A 114 -2.35 -4.26 9.17
CA VAL A 114 -2.80 -5.04 8.02
C VAL A 114 -4.29 -4.81 7.79
N ILE A 115 -5.04 -4.89 8.90
CA ILE A 115 -6.47 -4.58 8.92
C ILE A 115 -6.69 -3.19 8.34
N THR A 116 -5.93 -2.22 8.86
CA THR A 116 -6.09 -0.82 8.47
C THR A 116 -5.80 -0.58 7.00
N ILE A 118 -6.03 -2.96 4.53
CA ILE A 118 -7.11 -3.60 3.79
C ILE A 118 -8.42 -2.79 3.86
N ASP A 119 -8.72 -2.20 5.03
CA ASP A 119 -9.97 -1.45 5.26
C ASP A 119 -10.09 -0.24 4.35
N GLU A 120 -8.93 0.34 4.03
CA GLU A 120 -8.88 1.66 3.37
C GLU A 120 -9.08 1.61 1.86
N GLU A 121 -9.20 0.41 1.30
CA GLU A 121 -9.44 0.27 -0.14
C GLU A 121 -10.83 -0.29 -0.44
N GLN A 122 -11.23 -0.14 -1.71
CA GLN A 122 -12.46 -0.77 -2.22
C GLN A 122 -12.06 -1.86 -3.22
N TRP A 123 -12.22 -3.12 -2.82
CA TRP A 123 -11.69 -4.27 -3.56
C TRP A 123 -12.65 -4.74 -4.64
N LEU A 124 -13.89 -5.03 -4.26
CA LEU A 124 -14.96 -5.09 -5.25
C LEU A 124 -15.05 -3.68 -5.81
N ILE A 125 -15.14 -3.56 -7.13
CA ILE A 125 -15.09 -2.27 -7.84
C ILE A 125 -13.89 -2.30 -8.79
N ASP A 127 -11.01 -3.53 -11.37
CA ASP A 127 -11.31 -4.16 -12.68
C ASP A 127 -11.41 -5.71 -12.68
N GLY A 128 -11.23 -6.38 -11.53
CA GLY A 128 -11.46 -7.83 -11.42
C GLY A 128 -10.31 -8.64 -12.02
N ASP A 129 -9.89 -8.25 -13.23
CA ASP A 129 -8.58 -8.62 -13.74
C ASP A 129 -7.54 -8.08 -12.76
N VAL A 130 -7.76 -6.84 -12.31
CA VAL A 130 -6.85 -6.14 -11.39
C VAL A 130 -6.57 -6.90 -10.09
N LYS A 131 -7.63 -7.34 -9.40
CA LYS A 131 -7.46 -8.14 -8.19
C LYS A 131 -6.64 -9.43 -8.47
N GLY A 132 -7.03 -10.18 -9.50
CA GLY A 132 -6.24 -11.29 -10.00
C GLY A 132 -4.75 -10.98 -10.16
N ALA A 133 -4.44 -9.93 -10.90
CA ALA A 133 -3.05 -9.64 -11.24
C ALA A 133 -2.23 -9.18 -10.03
N ILE A 134 -2.85 -8.44 -9.11
CA ILE A 134 -2.18 -8.01 -7.88
C ILE A 134 -1.81 -9.29 -7.08
N TYR A 135 -2.78 -10.18 -6.91
CA TYR A 135 -2.57 -11.43 -6.16
C TYR A 135 -1.49 -12.30 -6.81
N GLU A 136 -1.62 -12.58 -8.11
CA GLU A 136 -0.57 -13.28 -8.86
C GLU A 136 0.80 -12.64 -8.69
N SER A 137 0.84 -11.32 -8.65
CA SER A 137 2.08 -10.57 -8.46
C SER A 137 2.65 -10.74 -7.06
N ILE A 138 1.77 -10.68 -6.05
CA ILE A 138 2.16 -10.95 -4.66
C ILE A 138 2.69 -12.40 -4.49
N LEU A 139 1.94 -13.39 -4.99
CA LEU A 139 2.36 -14.80 -4.90
C LEU A 139 3.72 -15.03 -5.55
N GLU A 140 3.98 -14.35 -6.65
CA GLU A 140 5.24 -14.53 -7.40
C GLU A 140 6.45 -13.95 -6.68
N LYS A 141 6.28 -12.73 -6.17
CA LYS A 141 7.35 -12.01 -5.44
C LYS A 141 7.75 -12.75 -4.14
N ASN A 142 6.82 -13.42 -3.50
CA ASN A 142 7.19 -14.28 -2.40
C ASN A 142 7.83 -15.55 -2.95
N GLY A 143 7.26 -16.09 -4.03
CA GLY A 143 7.68 -17.38 -4.59
C GLY A 143 9.10 -17.40 -5.14
N GLN A 144 9.54 -16.28 -5.71
CA GLN A 144 10.93 -16.12 -6.13
C GLN A 144 11.60 -15.12 -5.19
N ASP A 145 11.67 -15.52 -3.92
CA ASP A 145 12.36 -14.78 -2.86
C ASP A 145 13.49 -15.69 -2.36
N LYS A 146 14.72 -15.39 -2.79
CA LYS A 146 15.90 -16.27 -2.68
C LYS A 146 16.18 -16.87 -1.29
N LYS A 147 15.82 -16.17 -0.22
CA LYS A 147 16.00 -16.71 1.14
C LYS A 147 14.69 -16.86 1.95
N SER A 148 13.54 -16.78 1.28
CA SER A 148 12.23 -16.99 1.94
C SER A 148 11.67 -18.42 1.77
N GLY A 149 12.18 -19.16 0.78
CA GLY A 149 11.79 -20.57 0.54
C GLY A 149 10.29 -20.81 0.36
N ALA A 150 9.61 -19.83 -0.22
CA ALA A 150 8.22 -19.96 -0.65
C ALA A 150 8.15 -20.59 -2.08
N GLY A 151 9.29 -20.65 -2.77
CA GLY A 151 9.36 -21.26 -4.10
C GLY A 151 8.98 -22.73 -4.12
N GLN A 152 9.12 -23.41 -2.98
CA GLN A 152 8.61 -24.76 -2.86
C GLN A 152 7.09 -24.81 -3.14
N TYR A 153 6.42 -23.64 -3.06
CA TYR A 153 4.97 -23.52 -3.26
C TYR A 153 4.50 -22.91 -4.60
N PHE A 154 5.43 -22.79 -5.56
CA PHE A 154 5.23 -22.00 -6.77
C PHE A 154 5.92 -22.64 -7.97
N THR A 155 5.37 -22.37 -9.17
CA THR A 155 5.97 -22.72 -10.48
C THR A 155 5.95 -21.50 -11.44
N PRO A 156 7.04 -21.27 -12.22
CA PRO A 156 7.03 -20.14 -13.13
C PRO A 156 5.92 -20.20 -14.17
N ARG A 157 5.20 -19.12 -14.31
CA ARG A 157 4.04 -19.08 -15.19
C ARG A 157 4.34 -19.40 -16.67
N PRO A 158 5.46 -18.88 -17.19
CA PRO A 158 5.82 -19.21 -18.55
C PRO A 158 5.81 -20.71 -18.86
N LEU A 159 6.27 -21.52 -17.90
CA LEU A 159 6.41 -22.94 -18.09
C LEU A 159 5.07 -23.60 -17.97
N ILE A 160 4.27 -23.17 -17.00
CA ILE A 160 2.90 -23.65 -16.89
C ILE A 160 2.15 -23.43 -18.22
N GLN A 161 2.28 -22.23 -18.79
CA GLN A 161 1.59 -21.89 -20.02
C GLN A 161 1.97 -22.83 -21.18
N ALA A 162 3.26 -23.09 -21.34
CA ALA A 162 3.73 -23.96 -22.43
C ALA A 162 3.21 -25.40 -22.29
N VAL A 164 0.41 -26.34 -20.54
CA VAL A 164 -1.03 -26.33 -20.83
C VAL A 164 -1.29 -26.23 -22.37
N ASP A 165 -0.52 -25.40 -23.05
CA ASP A 165 -0.65 -25.27 -24.52
C ASP A 165 -0.41 -26.62 -25.21
N CYS A 166 0.62 -27.35 -24.78
CA CYS A 166 0.93 -28.67 -25.39
C CYS A 166 -0.13 -29.73 -25.10
N ILE A 167 -0.51 -29.83 -23.84
CA ILE A 167 -1.60 -30.71 -23.41
C ILE A 167 -2.95 -30.36 -24.00
N ASN A 168 -3.16 -29.08 -24.27
CA ASN A 168 -4.30 -28.62 -25.04
C ASN A 168 -5.62 -29.12 -24.47
N PRO A 169 -5.91 -28.81 -23.17
CA PRO A 169 -7.17 -29.26 -22.54
C PRO A 169 -8.38 -28.72 -23.28
N GLN A 170 -9.46 -29.50 -23.30
CA GLN A 170 -10.64 -29.11 -24.02
C GLN A 170 -11.83 -29.16 -23.10
N GLY A 172 -15.08 -29.99 -21.45
CA GLY A 172 -15.64 -31.33 -21.26
C GLY A 172 -14.70 -32.28 -20.52
N GLU A 173 -13.40 -31.95 -20.52
CA GLU A 173 -12.40 -32.71 -19.76
C GLU A 173 -12.24 -32.32 -18.29
N THR A 174 -11.93 -33.34 -17.48
CA THR A 174 -11.47 -33.12 -16.10
C THR A 174 -9.96 -32.89 -16.07
N VAL A 175 -9.56 -31.92 -15.27
CA VAL A 175 -8.16 -31.55 -15.08
C VAL A 175 -7.84 -31.60 -13.58
N CYS A 176 -6.78 -32.32 -13.22
CA CYS A 176 -6.36 -32.38 -11.85
C CYS A 176 -4.88 -32.04 -11.70
N ASP A 177 -4.57 -31.22 -10.70
CA ASP A 177 -3.21 -31.01 -10.17
C ASP A 177 -3.22 -31.48 -8.71
N PRO A 178 -2.63 -32.67 -8.44
CA PRO A 178 -2.63 -33.28 -7.10
C PRO A 178 -1.49 -32.81 -6.17
N ALA A 179 -0.88 -31.69 -6.50
CA ALA A 179 0.14 -31.05 -5.66
C ALA A 179 0.17 -29.56 -6.03
N CYS A 180 -0.97 -28.89 -5.84
CA CYS A 180 -1.31 -27.70 -6.61
C CYS A 180 -0.67 -26.38 -6.25
N GLY A 181 -0.02 -26.28 -5.11
CA GLY A 181 0.59 -25.01 -4.74
C GLY A 181 -0.45 -23.89 -4.87
N THR A 182 -0.02 -22.72 -5.33
CA THR A 182 -0.89 -21.54 -5.57
C THR A 182 -1.98 -21.70 -6.66
N GLY A 183 -2.01 -22.84 -7.34
CA GLY A 183 -3.10 -23.16 -8.27
C GLY A 183 -2.90 -22.71 -9.71
N GLY A 184 -1.66 -22.38 -10.05
CA GLY A 184 -1.28 -21.93 -11.41
C GLY A 184 -1.65 -22.81 -12.60
N PHE A 185 -1.51 -24.14 -12.43
CA PHE A 185 -1.91 -25.03 -13.55
C PHE A 185 -3.40 -24.97 -13.78
N LEU A 186 -4.15 -24.95 -12.69
CA LEU A 186 -5.62 -24.96 -12.73
C LEU A 186 -6.15 -23.65 -13.28
N LEU A 187 -5.57 -22.54 -12.85
CA LEU A 187 -5.92 -21.22 -13.34
C LEU A 187 -5.65 -21.10 -14.85
N THR A 188 -4.47 -21.55 -15.25
CA THR A 188 -4.10 -21.48 -16.67
C THR A 188 -4.97 -22.44 -17.55
N ALA A 189 -5.26 -23.65 -17.08
CA ALA A 189 -6.08 -24.60 -17.86
C ALA A 189 -7.54 -24.11 -18.04
N TYR A 190 -8.08 -23.47 -17.01
CA TYR A 190 -9.39 -22.87 -17.05
C TYR A 190 -9.42 -21.72 -18.08
N ASP A 191 -8.44 -20.82 -18.04
CA ASP A 191 -8.40 -19.70 -19.00
C ASP A 191 -8.32 -20.27 -20.43
N TYR A 192 -7.45 -21.28 -20.63
CA TYR A 192 -7.34 -21.94 -21.93
C TYR A 192 -8.67 -22.47 -22.44
N LYS A 194 -11.90 -21.88 -21.22
CA LYS A 194 -12.98 -20.89 -21.26
C LYS A 194 -13.20 -20.19 -22.62
N GLY A 195 -12.18 -20.04 -23.46
CA GLY A 195 -12.32 -19.30 -24.74
C GLY A 195 -12.61 -20.17 -25.95
N GLN A 196 -13.05 -21.40 -25.71
CA GLN A 196 -13.31 -22.35 -26.80
C GLN A 196 -14.83 -22.43 -26.99
N SER A 197 -15.24 -23.08 -28.07
CA SER A 197 -16.67 -23.30 -28.37
C SER A 197 -17.23 -24.35 -27.37
N SER A 199 -20.51 -24.71 -25.83
CA SER A 199 -21.28 -24.73 -24.58
C SER A 199 -22.34 -25.87 -24.69
N LYS A 200 -23.46 -25.88 -23.95
CA LYS A 200 -23.67 -25.17 -22.67
C LYS A 200 -23.67 -26.17 -21.50
N GLU A 201 -23.94 -27.44 -21.80
CA GLU A 201 -23.69 -28.52 -20.88
C GLU A 201 -22.21 -28.46 -20.45
N LYS A 202 -21.36 -27.90 -21.32
CA LYS A 202 -19.91 -27.89 -21.15
C LYS A 202 -19.33 -26.59 -20.54
N ARG A 203 -19.96 -25.44 -20.82
CA ARG A 203 -19.61 -24.19 -20.11
C ARG A 203 -19.91 -24.39 -18.61
N ASP A 204 -21.03 -25.08 -18.34
CA ASP A 204 -21.43 -25.46 -16.99
C ASP A 204 -20.55 -26.59 -16.45
N PHE A 205 -20.08 -27.48 -17.31
CA PHE A 205 -19.15 -28.50 -16.84
C PHE A 205 -17.84 -27.88 -16.33
N LEU A 206 -17.28 -26.94 -17.10
CA LEU A 206 -16.04 -26.25 -16.71
C LEU A 206 -16.22 -25.59 -15.37
N ARG A 207 -17.36 -24.89 -15.26
CA ARG A 207 -17.73 -24.14 -14.08
C ARG A 207 -17.76 -25.05 -12.86
N ASP A 208 -18.50 -26.16 -12.94
CA ASP A 208 -18.81 -26.94 -11.75
C ASP A 208 -17.96 -28.21 -11.52
N LYS A 209 -17.33 -28.73 -12.59
CA LYS A 209 -16.83 -30.10 -12.57
C LYS A 209 -15.42 -30.37 -13.18
N ALA A 210 -14.86 -29.43 -13.91
CA ALA A 210 -13.61 -29.69 -14.63
C ALA A 210 -12.41 -29.75 -13.72
N LEU A 211 -12.29 -28.81 -12.79
CA LEU A 211 -11.02 -28.61 -12.06
C LEU A 211 -11.04 -29.31 -10.71
N HIS A 212 -9.86 -29.75 -10.29
CA HIS A 212 -9.63 -30.32 -8.94
C HIS A 212 -8.16 -30.15 -8.64
N GLY A 213 -7.88 -29.60 -7.46
CA GLY A 213 -6.51 -29.48 -6.97
C GLY A 213 -6.37 -29.94 -5.52
N VAL A 214 -5.25 -30.57 -5.21
CA VAL A 214 -4.96 -31.05 -3.87
C VAL A 214 -3.62 -30.46 -3.42
N ASP A 215 -3.59 -29.98 -2.18
CA ASP A 215 -2.34 -29.62 -1.50
C ASP A 215 -2.50 -30.01 -0.03
N ASN A 216 -1.42 -30.50 0.55
CA ASN A 216 -1.46 -30.96 1.91
C ASN A 216 -1.23 -29.86 2.98
N THR A 217 -0.87 -28.66 2.56
CA THR A 217 -0.52 -27.57 3.47
C THR A 217 -1.64 -26.50 3.59
N PRO A 218 -2.25 -26.35 4.77
CA PRO A 218 -3.42 -25.50 4.88
C PRO A 218 -3.29 -24.08 4.25
N LEU A 219 -2.23 -23.37 4.57
CA LEU A 219 -2.14 -21.97 4.10
C LEU A 219 -2.05 -21.90 2.58
N VAL A 220 -1.44 -22.93 1.98
CA VAL A 220 -1.27 -22.97 0.56
C VAL A 220 -2.64 -23.25 -0.12
N VAL A 221 -3.45 -24.07 0.50
CA VAL A 221 -4.85 -24.19 0.08
C VAL A 221 -5.59 -22.82 0.19
N THR A 222 -5.30 -22.04 1.23
CA THR A 222 -5.90 -20.71 1.40
C THR A 222 -5.49 -19.85 0.23
N LEU A 223 -4.19 -19.82 -0.08
CA LEU A 223 -3.69 -19.01 -1.23
C LEU A 223 -4.18 -19.48 -2.63
N ALA A 224 -4.23 -20.78 -2.84
CA ALA A 224 -4.76 -21.34 -4.06
C ALA A 224 -6.24 -21.05 -4.24
N SER A 225 -7.03 -21.30 -3.19
CA SER A 225 -8.50 -21.15 -3.28
C SER A 225 -8.89 -19.69 -3.47
N ASN A 227 -6.74 -17.28 -4.89
CA ASN A 227 -6.26 -17.05 -6.26
C ASN A 227 -7.29 -17.46 -7.31
N LEU A 228 -7.78 -18.68 -7.22
CA LEU A 228 -8.80 -19.11 -8.20
C LEU A 228 -10.05 -18.24 -8.15
N TYR A 229 -10.54 -17.96 -6.94
CA TYR A 229 -11.67 -17.08 -6.66
C TYR A 229 -11.48 -15.64 -7.17
N LEU A 230 -10.32 -15.04 -6.90
CA LEU A 230 -10.03 -13.70 -7.42
C LEU A 230 -9.92 -13.59 -8.97
N HIS A 231 -9.74 -14.73 -9.66
CA HIS A 231 -9.79 -14.82 -11.13
C HIS A 231 -11.15 -15.35 -11.62
N GLY A 232 -12.18 -15.30 -10.77
CA GLY A 232 -13.54 -15.69 -11.16
C GLY A 232 -13.78 -17.19 -11.27
N ILE A 233 -12.99 -18.02 -10.62
CA ILE A 233 -13.19 -19.48 -10.73
C ILE A 233 -13.95 -19.98 -9.51
N GLY A 234 -15.25 -20.17 -9.69
CA GLY A 234 -16.14 -20.55 -8.59
C GLY A 234 -16.87 -19.37 -7.97
N THR A 235 -17.96 -19.69 -7.30
CA THR A 235 -18.81 -18.69 -6.68
C THR A 235 -18.97 -19.05 -5.20
N ASP A 236 -19.61 -20.20 -4.93
CA ASP A 236 -19.83 -20.72 -3.57
C ASP A 236 -18.90 -21.91 -3.25
N ARG A 237 -18.31 -22.54 -4.29
CA ARG A 237 -17.45 -23.73 -4.09
C ARG A 237 -16.00 -23.55 -4.64
N SER A 238 -15.04 -24.22 -4.02
CA SER A 238 -13.63 -24.26 -4.51
C SER A 238 -13.29 -25.62 -5.07
N PRO A 239 -12.51 -25.68 -6.16
CA PRO A 239 -11.91 -26.93 -6.67
C PRO A 239 -10.71 -27.47 -5.89
N ILE A 240 -10.20 -26.68 -4.94
CA ILE A 240 -9.01 -27.03 -4.15
C ILE A 240 -9.44 -27.74 -2.82
N VAL A 241 -8.81 -28.87 -2.51
CA VAL A 241 -9.00 -29.59 -1.24
C VAL A 241 -7.66 -29.70 -0.51
N CYS A 242 -7.71 -29.77 0.81
CA CYS A 242 -6.51 -29.98 1.60
C CYS A 242 -6.39 -31.45 1.93
N GLU A 243 -5.57 -32.18 1.19
CA GLU A 243 -5.29 -33.59 1.48
C GLU A 243 -3.83 -33.89 1.17
N ASP A 244 -3.39 -35.04 1.67
CA ASP A 244 -2.13 -35.65 1.30
C ASP A 244 -2.40 -36.63 0.18
N SER A 245 -2.09 -36.22 -1.05
CA SER A 245 -2.27 -37.07 -2.24
C SER A 245 -1.72 -38.50 -2.13
N LEU A 246 -0.59 -38.69 -1.46
CA LEU A 246 0.00 -40.01 -1.44
C LEU A 246 -0.78 -40.94 -0.48
N GLU A 247 -1.58 -40.37 0.40
CA GLU A 247 -2.20 -41.18 1.44
C GLU A 247 -3.22 -42.23 0.87
N LYS A 248 -4.00 -41.86 -0.14
CA LYS A 248 -5.18 -42.65 -0.57
C LYS A 248 -5.25 -42.91 -2.09
N GLU A 249 -5.68 -44.12 -2.43
CA GLU A 249 -6.01 -44.46 -3.81
C GLU A 249 -7.07 -43.47 -4.33
N PRO A 250 -6.96 -43.02 -5.59
CA PRO A 250 -7.87 -41.92 -6.00
C PRO A 250 -9.27 -42.43 -6.21
N SER A 251 -10.29 -41.67 -5.84
CA SER A 251 -11.67 -42.19 -5.96
C SER A 251 -12.23 -42.02 -7.38
N THR A 252 -11.57 -41.17 -8.15
CA THR A 252 -12.01 -40.77 -9.46
C THR A 252 -10.79 -40.73 -10.37
N LEU A 253 -10.89 -41.30 -11.57
CA LEU A 253 -9.86 -41.17 -12.62
C LEU A 253 -10.13 -39.94 -13.50
N VAL A 254 -9.09 -39.28 -14.03
CA VAL A 254 -9.25 -38.00 -14.76
C VAL A 254 -8.74 -38.03 -16.17
N ASP A 255 -9.15 -37.04 -16.96
CA ASP A 255 -8.68 -36.90 -18.35
C ASP A 255 -7.28 -36.34 -18.44
N VAL A 256 -7.02 -35.30 -17.66
CA VAL A 256 -5.77 -34.53 -17.76
C VAL A 256 -5.19 -34.32 -16.37
N ILE A 257 -3.90 -34.61 -16.25
CA ILE A 257 -3.08 -34.18 -15.10
C ILE A 257 -2.02 -33.17 -15.55
N LEU A 258 -1.90 -32.13 -14.72
CA LEU A 258 -0.93 -31.05 -14.84
C LEU A 258 -0.35 -30.86 -13.46
N ALA A 259 0.97 -30.97 -13.29
CA ALA A 259 1.56 -30.89 -11.94
C ALA A 259 3.05 -30.59 -11.92
N ASN A 260 3.48 -29.87 -10.87
CA ASN A 260 4.87 -29.77 -10.44
C ASN A 260 4.87 -30.21 -9.00
N PRO A 261 5.08 -31.53 -8.75
CA PRO A 261 5.10 -32.15 -7.42
C PRO A 261 6.27 -31.65 -6.60
N PRO A 262 6.26 -31.85 -5.28
CA PRO A 262 7.44 -31.41 -4.52
C PRO A 262 8.76 -32.03 -5.03
N PHE A 263 9.83 -31.24 -5.09
CA PHE A 263 11.19 -31.75 -5.40
C PHE A 263 11.90 -32.26 -4.14
N GLY A 264 11.35 -31.93 -2.97
CA GLY A 264 11.98 -32.27 -1.70
C GLY A 264 11.43 -33.54 -1.12
N THR A 265 12.05 -33.99 -0.04
CA THR A 265 11.66 -35.16 0.70
C THR A 265 10.35 -34.92 1.49
N ARG A 266 9.65 -36.03 1.72
CA ARG A 266 8.46 -36.04 2.56
C ARG A 266 8.92 -35.69 3.95
N PRO A 267 8.27 -34.72 4.61
CA PRO A 267 8.85 -34.30 5.88
C PRO A 267 8.88 -35.44 6.88
N ALA A 268 9.75 -35.30 7.87
CA ALA A 268 9.97 -36.34 8.86
C ALA A 268 8.81 -36.29 9.84
N GLY A 269 8.32 -37.48 10.20
CA GLY A 269 7.17 -37.63 11.07
C GLY A 269 5.85 -37.58 10.33
N SER A 270 5.88 -37.39 9.02
CA SER A 270 4.66 -37.51 8.23
C SER A 270 4.20 -38.95 8.35
N VAL A 271 2.89 -39.17 8.29
CA VAL A 271 2.30 -40.51 8.39
C VAL A 271 2.93 -41.39 7.31
N ASP A 272 3.18 -42.64 7.65
CA ASP A 272 3.72 -43.59 6.67
C ASP A 272 2.62 -43.92 5.68
N ILE A 273 2.95 -43.97 4.39
CA ILE A 273 1.91 -44.24 3.41
C ILE A 273 1.68 -45.75 3.22
N ASN A 274 0.48 -46.08 2.80
CA ASN A 274 0.07 -47.45 2.68
C ASN A 274 -0.69 -47.58 1.37
N ARG A 275 0.02 -47.98 0.33
CA ARG A 275 -0.53 -47.91 -1.02
C ARG A 275 -0.24 -49.22 -1.77
N PRO A 276 -1.10 -50.24 -1.58
CA PRO A 276 -0.90 -51.51 -2.27
C PRO A 276 -1.06 -51.38 -3.76
N ASP A 277 -1.71 -50.30 -4.21
CA ASP A 277 -1.96 -50.10 -5.62
C ASP A 277 -0.72 -49.63 -6.36
N PHE A 278 0.27 -49.15 -5.61
CA PHE A 278 1.53 -48.68 -6.20
C PHE A 278 2.25 -49.88 -6.81
N TYR A 279 3.07 -49.60 -7.80
CA TYR A 279 3.83 -50.61 -8.50
C TYR A 279 5.01 -51.05 -7.69
N VAL A 280 5.55 -50.15 -6.87
CA VAL A 280 6.73 -50.45 -6.06
C VAL A 280 6.82 -49.57 -4.81
N GLU A 281 7.29 -50.15 -3.70
CA GLU A 281 7.58 -49.40 -2.47
CA GLU A 281 7.58 -49.40 -2.46
C GLU A 281 8.90 -48.66 -2.64
N THR A 282 8.90 -47.38 -2.33
CA THR A 282 10.08 -46.58 -2.37
C THR A 282 9.87 -45.43 -1.44
N LYS A 283 10.97 -44.99 -0.82
CA LYS A 283 11.03 -43.74 -0.06
C LYS A 283 11.19 -42.50 -0.93
N ASN A 284 11.62 -42.65 -2.18
CA ASN A 284 11.70 -41.51 -3.14
C ASN A 284 10.35 -40.83 -3.28
N ASN A 285 10.23 -39.61 -2.77
CA ASN A 285 8.96 -38.87 -2.75
C ASN A 285 8.50 -38.60 -4.21
N GLN A 286 9.46 -38.33 -5.09
CA GLN A 286 9.10 -37.98 -6.46
C GLN A 286 8.64 -39.20 -7.27
N LEU A 287 9.27 -40.37 -7.07
CA LEU A 287 8.83 -41.61 -7.72
C LEU A 287 7.39 -41.94 -7.30
N ASN A 288 7.06 -41.67 -6.04
CA ASN A 288 5.74 -41.92 -5.49
C ASN A 288 4.69 -41.01 -6.04
N PHE A 289 5.01 -39.71 -6.18
CA PHE A 289 4.13 -38.80 -6.92
C PHE A 289 3.93 -39.28 -8.36
N LEU A 290 4.98 -39.79 -8.99
CA LEU A 290 4.88 -40.23 -10.39
C LEU A 290 3.96 -41.46 -10.46
N GLN A 291 4.17 -42.42 -9.56
CA GLN A 291 3.30 -43.58 -9.47
C GLN A 291 1.81 -43.18 -9.27
N HIS A 292 1.59 -42.33 -8.27
CA HIS A 292 0.25 -41.85 -7.89
C HIS A 292 -0.45 -41.23 -9.07
N LEU A 295 -1.41 -43.77 -11.80
CA LEU A 295 -2.57 -44.49 -11.31
C LEU A 295 -3.85 -43.67 -11.38
N LEU A 297 -4.80 -41.58 -13.93
CA LEU A 297 -5.36 -41.30 -15.25
C LEU A 297 -6.43 -42.28 -15.69
N LYS A 298 -7.44 -41.78 -16.42
CA LYS A 298 -8.32 -42.62 -17.22
C LYS A 298 -7.53 -43.30 -18.32
N THR A 299 -8.11 -44.33 -18.92
CA THR A 299 -7.57 -44.89 -20.16
C THR A 299 -7.81 -43.85 -21.25
N GLY A 300 -6.76 -43.58 -22.02
CA GLY A 300 -6.75 -42.47 -22.99
C GLY A 300 -6.34 -41.11 -22.42
N GLY A 301 -6.30 -40.99 -21.10
CA GLY A 301 -5.95 -39.75 -20.41
C GLY A 301 -4.49 -39.40 -20.61
N ARG A 302 -4.13 -38.15 -20.32
CA ARG A 302 -2.77 -37.65 -20.52
C ARG A 302 -2.32 -36.76 -19.36
N ALA A 303 -0.99 -36.71 -19.22
CA ALA A 303 -0.33 -35.96 -18.16
C ALA A 303 0.87 -35.15 -18.67
N ALA A 304 1.09 -33.98 -18.05
CA ALA A 304 2.35 -33.20 -18.14
C ALA A 304 2.78 -32.87 -16.72
N VAL A 305 3.98 -33.31 -16.36
CA VAL A 305 4.45 -33.25 -14.97
C VAL A 305 5.91 -32.89 -14.90
N VAL A 306 6.24 -32.04 -13.93
CA VAL A 306 7.60 -31.54 -13.77
C VAL A 306 8.25 -32.46 -12.74
N LEU A 307 9.34 -33.10 -13.15
CA LEU A 307 10.05 -34.03 -12.31
C LEU A 307 11.57 -33.83 -12.42
N PRO A 308 12.31 -34.23 -11.38
CA PRO A 308 13.76 -34.11 -11.37
C PRO A 308 14.47 -35.24 -12.14
N ASP A 309 15.73 -34.98 -12.51
CA ASP A 309 16.53 -35.93 -13.26
C ASP A 309 16.61 -37.32 -12.64
N ASN A 310 16.63 -37.32 -11.31
CA ASN A 310 16.72 -38.51 -10.50
C ASN A 310 15.66 -39.56 -10.87
N VAL A 311 14.47 -39.07 -11.12
CA VAL A 311 13.39 -39.92 -11.61
C VAL A 311 13.75 -40.66 -12.91
N LEU A 312 14.55 -40.04 -13.77
CA LEU A 312 14.98 -40.69 -15.01
C LEU A 312 16.15 -41.70 -14.89
N PHE A 313 16.96 -41.61 -13.85
CA PHE A 313 18.16 -42.47 -13.76
C PHE A 313 18.22 -43.43 -12.57
N GLU A 314 17.44 -43.17 -11.53
CA GLU A 314 17.68 -43.90 -10.29
C GLU A 314 17.41 -45.40 -10.45
N ALA A 315 18.33 -46.26 -9.99
CA ALA A 315 18.13 -47.69 -10.04
C ALA A 315 17.18 -48.20 -8.96
N GLY A 316 16.70 -49.41 -9.17
CA GLY A 316 15.76 -50.04 -8.26
C GLY A 316 14.33 -49.74 -8.66
N ALA A 317 13.56 -49.22 -7.71
CA ALA A 317 12.21 -48.74 -7.90
C ALA A 317 12.06 -47.86 -9.10
N GLY A 318 13.06 -47.02 -9.37
CA GLY A 318 12.96 -46.08 -10.49
C GLY A 318 12.81 -46.79 -11.81
N GLU A 319 13.62 -47.82 -12.00
CA GLU A 319 13.62 -48.62 -13.21
C GLU A 319 12.31 -49.38 -13.40
N THR A 320 11.84 -49.97 -12.32
CA THR A 320 10.58 -50.71 -12.29
C THR A 320 9.46 -49.83 -12.81
N ILE A 321 9.40 -48.60 -12.31
CA ILE A 321 8.41 -47.61 -12.72
C ILE A 321 8.58 -47.13 -14.19
N ARG A 322 9.83 -46.89 -14.60
CA ARG A 322 10.12 -46.52 -15.98
C ARG A 322 9.75 -47.68 -16.94
N LYS A 323 10.04 -48.91 -16.53
CA LYS A 323 9.55 -50.06 -17.28
C LYS A 323 8.00 -50.07 -17.38
N ARG A 324 7.31 -49.81 -16.27
CA ARG A 324 5.84 -49.79 -16.29
C ARG A 324 5.33 -48.66 -17.15
N LEU A 325 5.99 -47.50 -17.07
CA LEU A 325 5.65 -46.31 -17.87
C LEU A 325 5.73 -46.64 -19.37
N LEU A 326 6.80 -47.31 -19.81
CA LEU A 326 6.96 -47.66 -21.24
C LEU A 326 5.98 -48.67 -21.72
N GLN A 327 5.55 -49.58 -20.84
CA GLN A 327 4.69 -50.70 -21.22
C GLN A 327 3.24 -50.27 -21.39
N ASP A 328 2.68 -49.68 -20.33
CA ASP A 328 1.24 -49.38 -20.24
C ASP A 328 0.87 -47.93 -20.58
N PHE A 329 1.86 -47.10 -20.87
CA PHE A 329 1.68 -45.68 -21.18
C PHE A 329 2.56 -45.32 -22.37
N ASN A 330 2.26 -44.18 -22.99
CA ASN A 330 3.01 -43.68 -24.13
C ASN A 330 3.69 -42.42 -23.69
N LEU A 331 4.93 -42.59 -23.23
CA LEU A 331 5.80 -41.51 -22.85
C LEU A 331 6.42 -40.91 -24.11
N HIS A 332 5.64 -40.08 -24.79
CA HIS A 332 6.03 -39.64 -26.11
C HIS A 332 6.98 -38.43 -26.13
N THR A 333 7.06 -37.70 -25.01
CA THR A 333 7.82 -36.45 -24.97
C THR A 333 8.49 -36.23 -23.63
N ILE A 334 9.79 -35.94 -23.67
CA ILE A 334 10.52 -35.42 -22.50
C ILE A 334 11.22 -34.10 -22.84
N LEU A 335 10.91 -33.07 -22.04
CA LEU A 335 11.52 -31.73 -22.18
C LEU A 335 12.57 -31.61 -21.08
N ARG A 336 13.85 -31.45 -21.43
CA ARG A 336 14.89 -31.24 -20.39
C ARG A 336 14.95 -29.73 -20.10
N LEU A 337 14.66 -29.34 -18.85
CA LEU A 337 14.55 -27.93 -18.48
C LEU A 337 15.88 -27.24 -18.15
N PRO A 338 15.95 -25.92 -18.43
CA PRO A 338 17.19 -25.24 -18.09
C PRO A 338 17.29 -25.01 -16.60
N THR A 339 18.52 -24.81 -16.16
CA THR A 339 18.82 -24.25 -14.83
C THR A 339 18.43 -22.77 -14.80
N GLY A 340 18.10 -22.28 -13.62
CA GLY A 340 17.94 -20.85 -13.41
C GLY A 340 16.54 -20.29 -13.61
N ILE A 341 15.54 -21.16 -13.40
CA ILE A 341 14.14 -20.79 -13.64
C ILE A 341 13.26 -21.07 -12.40
N PHE A 342 13.72 -21.94 -11.51
CA PHE A 342 13.02 -22.16 -10.26
C PHE A 342 13.63 -21.30 -9.14
N TYR A 343 12.86 -21.07 -8.09
CA TYR A 343 13.33 -20.33 -6.90
C TYR A 343 14.73 -20.76 -6.46
N ALA A 344 14.83 -22.02 -6.06
CA ALA A 344 16.08 -22.60 -5.64
C ALA A 344 16.69 -23.09 -6.92
N GLN A 345 17.56 -22.28 -7.50
CA GLN A 345 18.25 -22.69 -8.70
C GLN A 345 19.19 -23.91 -8.39
N GLY A 346 19.92 -24.30 -9.44
CA GLY A 346 20.53 -25.60 -9.49
C GLY A 346 19.56 -26.69 -9.98
N VAL A 347 18.30 -26.65 -9.53
CA VAL A 347 17.34 -27.73 -9.81
C VAL A 347 17.52 -28.28 -11.24
N LYS A 348 17.82 -29.58 -11.35
CA LYS A 348 17.76 -30.31 -12.64
C LYS A 348 16.35 -30.93 -12.78
N ALA A 349 15.55 -30.34 -13.66
CA ALA A 349 14.15 -30.70 -13.80
C ALA A 349 13.81 -30.98 -15.28
N ASN A 350 12.64 -31.56 -15.49
CA ASN A 350 12.22 -32.05 -16.80
C ASN A 350 10.72 -32.02 -16.79
N VAL A 351 10.11 -31.89 -17.97
CA VAL A 351 8.67 -32.17 -18.11
C VAL A 351 8.51 -33.45 -18.88
N LEU A 352 7.75 -34.38 -18.29
CA LEU A 352 7.32 -35.63 -18.96
C LEU A 352 5.86 -35.53 -19.32
N PHE A 353 5.58 -35.84 -20.58
CA PHE A 353 4.25 -35.87 -21.15
C PHE A 353 3.95 -37.32 -21.56
N PHE A 354 2.86 -37.86 -21.07
CA PHE A 354 2.47 -39.23 -21.42
C PHE A 354 0.98 -39.44 -21.35
N SER A 355 0.52 -40.40 -22.16
CA SER A 355 -0.89 -40.85 -22.08
C SER A 355 -1.01 -42.28 -21.55
N LYS A 356 -2.20 -42.69 -21.13
CA LYS A 356 -2.44 -44.00 -20.55
C LYS A 356 -3.14 -44.89 -21.56
N GLY A 357 -2.65 -46.12 -21.68
CA GLY A 357 -3.30 -47.16 -22.51
C GLY A 357 -2.36 -47.77 -23.53
N GLN A 358 -1.83 -46.94 -24.42
CA GLN A 358 -0.96 -47.40 -25.49
C GLN A 358 0.49 -47.49 -25.02
N PRO A 359 1.24 -48.50 -25.50
CA PRO A 359 2.66 -48.58 -25.16
C PRO A 359 3.46 -47.48 -25.78
N THR A 360 4.67 -47.27 -25.28
CA THR A 360 5.59 -46.31 -25.89
C THR A 360 6.33 -47.00 -27.05
N LYS A 361 6.27 -46.39 -28.22
CA LYS A 361 7.03 -46.88 -29.37
C LYS A 361 8.24 -45.96 -29.66
N GLU A 362 8.09 -44.68 -29.33
CA GLU A 362 9.11 -43.67 -29.57
C GLU A 362 9.06 -42.60 -28.50
N ILE A 363 10.21 -42.04 -28.14
CA ILE A 363 10.27 -40.95 -27.17
C ILE A 363 11.02 -39.79 -27.77
N TRP A 364 10.35 -38.65 -27.84
CA TRP A 364 10.94 -37.44 -28.36
C TRP A 364 11.49 -36.61 -27.23
N PHE A 365 12.79 -36.29 -27.31
CA PHE A 365 13.47 -35.41 -26.34
C PHE A 365 13.65 -34.00 -26.87
N TYR A 366 13.30 -33.00 -26.07
CA TYR A 366 13.68 -31.62 -26.36
C TYR A 366 14.64 -31.18 -25.29
N ASP A 367 15.86 -30.89 -25.70
CA ASP A 367 16.88 -30.37 -24.80
C ASP A 367 16.80 -28.85 -24.79
N TYR A 368 16.20 -28.27 -23.75
CA TYR A 368 16.27 -26.82 -23.54
C TYR A 368 17.18 -26.50 -22.34
N ARG A 369 18.24 -27.28 -22.19
CA ARG A 369 19.15 -27.14 -21.07
C ARG A 369 20.56 -26.83 -21.51
N THR A 370 21.07 -27.64 -22.42
CA THR A 370 22.47 -27.58 -22.82
C THR A 370 22.68 -26.30 -23.60
N ASP A 371 23.65 -25.53 -23.16
CA ASP A 371 24.00 -24.23 -23.73
C ASP A 371 22.86 -23.23 -23.64
N ILE A 372 21.95 -23.41 -22.68
CA ILE A 372 20.88 -22.46 -22.46
C ILE A 372 21.09 -21.71 -21.16
N LYS A 373 20.86 -20.40 -21.19
CA LYS A 373 21.25 -19.53 -20.10
C LYS A 373 20.13 -18.60 -19.71
N HIS A 374 19.34 -19.02 -18.72
CA HIS A 374 18.39 -18.15 -18.05
C HIS A 374 18.85 -17.95 -16.62
N THR A 375 18.47 -16.84 -16.02
CA THR A 375 18.55 -16.68 -14.56
C THR A 375 17.34 -15.91 -14.07
N LEU A 376 17.16 -15.85 -12.77
CA LEU A 376 16.04 -15.12 -12.20
C LEU A 376 16.20 -13.58 -12.27
N ALA A 377 17.43 -13.10 -12.41
CA ALA A 377 17.68 -11.65 -12.43
C ALA A 377 17.97 -11.11 -13.83
N THR A 378 18.72 -11.88 -14.60
CA THR A 378 19.00 -11.51 -15.97
C THR A 378 18.57 -12.68 -16.84
N ASN A 379 18.34 -12.42 -18.12
CA ASN A 379 17.70 -13.36 -19.05
C ASN A 379 16.61 -14.27 -18.43
N LYS A 380 15.63 -13.64 -17.82
CA LYS A 380 14.49 -14.33 -17.25
C LYS A 380 13.76 -15.22 -18.28
N LEU A 381 13.26 -16.36 -17.85
CA LEU A 381 12.47 -17.22 -18.74
C LEU A 381 11.16 -16.53 -19.01
N GLU A 382 10.83 -16.40 -20.28
CA GLU A 382 9.49 -15.95 -20.64
C GLU A 382 8.87 -16.93 -21.63
N ARG A 383 7.57 -16.79 -21.87
CA ARG A 383 6.86 -17.83 -22.62
C ARG A 383 7.41 -18.02 -24.04
N HIS A 384 7.90 -16.94 -24.67
CA HIS A 384 8.41 -17.00 -26.03
C HIS A 384 9.66 -17.88 -26.24
N HIS A 385 10.39 -18.19 -25.17
CA HIS A 385 11.55 -19.08 -25.24
C HIS A 385 11.15 -20.57 -25.48
N LEU A 386 9.90 -20.88 -25.19
CA LEU A 386 9.42 -22.24 -25.32
C LEU A 386 8.56 -22.33 -26.58
N ASP A 387 8.57 -21.29 -27.43
CA ASP A 387 7.83 -21.31 -28.71
C ASP A 387 8.32 -22.42 -29.62
N ASP A 388 9.64 -22.54 -29.76
CA ASP A 388 10.21 -23.58 -30.58
C ASP A 388 9.85 -24.98 -30.04
N PHE A 389 9.87 -25.14 -28.72
CA PHE A 389 9.54 -26.42 -28.12
C PHE A 389 8.09 -26.77 -28.49
N VAL A 390 7.20 -25.77 -28.43
CA VAL A 390 5.77 -25.98 -28.57
C VAL A 390 5.47 -26.33 -30.03
N SER A 391 6.13 -25.65 -30.95
CA SER A 391 6.08 -26.03 -32.35
C SER A 391 6.58 -27.44 -32.63
N CYS A 392 7.73 -27.81 -32.08
CA CYS A 392 8.18 -29.19 -32.16
C CYS A 392 7.15 -30.18 -31.61
N TYR A 393 6.59 -29.89 -30.43
CA TYR A 393 5.56 -30.70 -29.80
C TYR A 393 4.44 -31.01 -30.79
N ASN A 394 4.01 -29.99 -31.55
CA ASN A 394 2.90 -30.15 -32.53
C ASN A 394 3.35 -30.79 -33.87
N ASN A 395 4.55 -30.47 -34.32
CA ASN A 395 5.13 -30.97 -35.61
C ASN A 395 6.15 -32.04 -35.32
N ARG A 396 5.78 -33.29 -35.44
CA ARG A 396 6.70 -34.33 -34.96
C ARG A 396 7.67 -34.70 -36.08
N VAL A 397 8.53 -33.73 -36.40
CA VAL A 397 9.58 -33.82 -37.43
C VAL A 397 10.89 -33.50 -36.75
N GLU A 398 11.80 -34.49 -36.75
CA GLU A 398 13.08 -34.39 -36.06
C GLU A 398 13.88 -33.21 -36.54
N ILE A 399 14.43 -32.47 -35.61
CA ILE A 399 15.43 -31.47 -35.93
C ILE A 399 16.81 -32.14 -35.94
N TYR A 400 17.11 -32.97 -34.94
CA TYR A 400 18.39 -33.67 -34.94
C TYR A 400 18.61 -34.50 -36.22
N ASP A 401 19.80 -34.38 -36.79
CA ASP A 401 20.30 -35.28 -37.82
C ASP A 401 21.76 -35.54 -37.52
N ALA A 402 22.14 -36.81 -37.49
CA ALA A 402 23.51 -37.18 -37.16
C ALA A 402 24.59 -36.34 -37.90
N GLU A 403 24.49 -36.23 -39.23
CA GLU A 403 25.51 -35.49 -40.00
C GLU A 403 25.09 -34.05 -40.41
N ASN A 404 23.81 -33.85 -40.69
CA ASN A 404 23.30 -32.53 -41.11
C ASN A 404 23.06 -31.53 -39.98
N ASN A 405 22.69 -32.04 -38.79
CA ASN A 405 22.42 -31.21 -37.62
C ASN A 405 22.57 -31.95 -36.30
N PRO A 406 23.82 -32.13 -35.85
CA PRO A 406 24.01 -33.02 -34.70
C PRO A 406 23.68 -32.34 -33.38
N GLN A 407 23.56 -31.02 -33.43
CA GLN A 407 23.31 -30.18 -32.27
C GLN A 407 21.81 -29.77 -32.11
N GLY A 408 20.94 -30.45 -32.88
CA GLY A 408 19.52 -30.09 -32.95
C GLY A 408 18.84 -30.52 -31.67
N ARG A 409 17.93 -29.69 -31.15
CA ARG A 409 17.33 -29.90 -29.79
C ARG A 409 16.21 -30.93 -29.65
N TRP A 410 15.74 -31.41 -30.79
CA TRP A 410 14.54 -32.20 -30.86
C TRP A 410 14.95 -33.47 -31.57
N ARG A 411 14.92 -34.56 -30.82
CA ARG A 411 15.42 -35.85 -31.28
C ARG A 411 14.48 -36.94 -30.85
N LYS A 412 14.28 -37.89 -31.74
CA LYS A 412 13.42 -39.00 -31.50
C LYS A 412 14.24 -40.26 -31.20
N TYR A 413 13.95 -40.98 -30.10
CA TYR A 413 14.53 -42.33 -29.84
C TYR A 413 13.45 -43.41 -29.92
N PRO A 414 13.74 -44.50 -30.64
CA PRO A 414 12.83 -45.64 -30.56
C PRO A 414 12.92 -46.31 -29.20
N VAL A 415 11.84 -46.94 -28.80
CA VAL A 415 11.77 -47.45 -27.44
C VAL A 415 12.82 -48.55 -27.17
N ASP A 416 13.18 -49.30 -28.21
CA ASP A 416 14.12 -50.42 -28.11
CA ASP A 416 14.07 -50.41 -27.98
C ASP A 416 15.51 -49.98 -27.63
N GLU A 417 15.96 -48.82 -28.09
CA GLU A 417 17.26 -48.26 -27.60
C GLU A 417 17.16 -47.89 -26.14
N ILE A 418 16.00 -47.44 -25.71
CA ILE A 418 15.85 -47.04 -24.32
C ILE A 418 15.79 -48.27 -23.40
N ILE A 419 15.06 -49.29 -23.83
CA ILE A 419 14.99 -50.56 -23.12
C ILE A 419 16.40 -51.21 -23.00
N ALA A 420 17.25 -50.94 -24.00
CA ALA A 420 18.63 -51.41 -24.04
C ALA A 420 19.61 -50.60 -23.16
N ARG A 421 19.22 -49.40 -22.72
CA ARG A 421 20.08 -48.59 -21.84
C ARG A 421 20.25 -49.21 -20.46
N ASP A 422 21.35 -48.86 -19.79
CA ASP A 422 21.60 -49.29 -18.41
C ASP A 422 20.60 -48.64 -17.43
N LYS A 423 19.99 -49.47 -16.57
CA LYS A 423 18.93 -49.05 -15.66
C LYS A 423 17.65 -48.56 -16.37
N THR A 424 17.52 -48.80 -17.68
CA THR A 424 16.42 -48.25 -18.51
C THR A 424 16.46 -46.71 -18.34
N SER A 425 17.66 -46.13 -18.42
CA SER A 425 17.82 -44.73 -18.08
C SER A 425 17.19 -43.83 -19.14
N LEU A 426 16.42 -42.83 -18.70
CA LEU A 426 15.91 -41.81 -19.61
C LEU A 426 16.68 -40.48 -19.52
N ASP A 427 17.82 -40.47 -18.84
CA ASP A 427 18.63 -39.27 -18.67
C ASP A 427 19.56 -39.07 -19.86
N ILE A 428 18.95 -38.89 -21.03
CA ILE A 428 19.64 -38.89 -22.32
C ILE A 428 19.92 -37.45 -22.75
N THR A 429 21.19 -37.17 -23.07
CA THR A 429 21.56 -35.98 -23.87
C THR A 429 22.57 -36.34 -24.98
N TRP A 430 22.68 -35.46 -25.96
CA TRP A 430 23.55 -35.67 -27.12
C TRP A 430 24.28 -34.41 -27.62
N ILE A 431 23.90 -33.22 -27.14
CA ILE A 431 24.43 -31.97 -27.67
C ILE A 431 25.76 -31.62 -27.02
N LYS A 432 26.81 -31.52 -27.84
CA LYS A 432 28.12 -31.08 -27.38
C LYS A 432 28.07 -29.60 -26.99
N PRO A 433 28.38 -29.28 -25.72
CA PRO A 433 28.60 -27.87 -25.36
C PRO A 433 29.68 -27.14 -26.20
N GLY A 434 30.63 -27.90 -26.75
CA GLY A 434 31.74 -27.36 -27.55
C GLY A 434 31.35 -26.93 -28.95
N THR B 8 13.93 1.29 16.06
CA THR B 8 14.55 2.27 15.12
C THR B 8 13.76 3.56 14.88
N GLU B 9 12.45 3.62 15.14
CA GLU B 9 11.81 4.93 15.26
C GLU B 9 12.63 5.65 16.32
N GLN B 10 12.73 4.96 17.46
CA GLN B 10 13.86 4.94 18.41
C GLN B 10 15.10 5.73 17.97
N SER B 11 16.02 5.02 17.33
CA SER B 11 17.36 5.51 17.13
C SER B 11 17.47 6.52 16.00
N LEU B 12 16.49 6.52 15.10
CA LEU B 12 16.47 7.46 13.98
C LEU B 12 16.15 8.84 14.46
N THR B 13 15.15 8.93 15.32
CA THR B 13 14.80 10.19 15.90
C THR B 13 15.99 10.78 16.63
N LYS B 14 16.72 9.93 17.37
CA LYS B 14 17.94 10.37 18.08
C LYS B 14 18.96 11.01 17.11
N LYS B 15 19.34 10.26 16.07
CA LYS B 15 20.24 10.77 15.04
C LYS B 15 19.80 12.12 14.51
N VAL B 16 18.54 12.20 14.11
CA VAL B 16 18.02 13.38 13.46
C VAL B 16 18.03 14.55 14.45
N TRP B 17 17.54 14.30 15.67
CA TRP B 17 17.47 15.37 16.67
C TRP B 17 18.88 15.83 17.05
N ASN B 18 19.80 14.93 17.27
CA ASN B 18 21.12 15.33 17.76
C ASN B 18 22.01 16.00 16.68
N LEU B 19 21.82 15.64 15.41
CA LEU B 19 22.49 16.39 14.34
C LEU B 19 21.97 17.86 14.27
N ALA B 20 20.67 18.06 14.47
CA ALA B 20 20.12 19.42 14.60
C ALA B 20 20.96 20.29 15.51
N THR B 21 21.32 19.73 16.66
CA THR B 21 22.08 20.40 17.71
C THR B 21 23.53 20.65 17.34
N THR B 22 24.16 19.68 16.72
CA THR B 22 25.50 19.86 16.21
C THR B 22 25.59 20.97 15.13
N LEU B 23 24.59 21.00 14.24
CA LEU B 23 24.55 22.01 13.19
C LEU B 23 24.23 23.38 13.76
N ALA B 24 23.31 23.41 14.72
CA ALA B 24 22.99 24.62 15.48
C ALA B 24 24.21 25.21 16.14
N GLY B 25 25.14 24.36 16.55
CA GLY B 25 26.40 24.79 17.12
C GLY B 25 27.34 25.43 16.10
N GLN B 26 27.03 25.31 14.81
CA GLN B 26 27.70 26.12 13.78
C GLN B 26 26.71 27.22 13.53
N GLY B 27 26.77 27.93 12.42
CA GLY B 27 25.67 28.91 12.22
C GLY B 27 24.18 28.47 12.09
N ILE B 28 23.87 27.17 12.10
CA ILE B 28 22.66 26.66 11.36
C ILE B 28 21.40 26.36 12.18
N GLY B 29 20.40 27.21 12.03
CA GLY B 29 19.12 27.08 12.73
C GLY B 29 18.32 25.86 12.32
N PHE B 30 17.31 25.55 13.12
CA PHE B 30 16.63 24.24 13.05
C PHE B 30 15.79 24.17 11.79
N THR B 31 15.08 25.26 11.50
CA THR B 31 14.30 25.41 10.27
C THR B 31 15.11 25.24 8.99
N ASP B 32 16.30 25.83 8.91
CA ASP B 32 17.18 25.58 7.77
C ASP B 32 17.68 24.14 7.71
N TYR B 33 17.99 23.57 8.87
CA TYR B 33 18.39 22.14 8.98
C TYR B 33 17.31 21.18 8.40
N ILE B 34 16.07 21.38 8.82
CA ILE B 34 14.95 20.52 8.47
C ILE B 34 14.66 20.62 6.99
N THR B 35 14.83 21.85 6.43
CA THR B 35 14.66 22.11 4.99
C THR B 35 15.71 21.35 4.19
N GLN B 36 16.97 21.47 4.59
CA GLN B 36 18.06 20.74 3.89
C GLN B 36 17.90 19.23 4.05
N LEU B 37 17.49 18.82 5.22
CA LEU B 37 17.29 17.41 5.53
C LEU B 37 16.19 16.84 4.61
N THR B 38 15.13 17.60 4.37
CA THR B 38 14.04 17.23 3.47
C THR B 38 14.48 17.17 1.99
N TYR B 39 15.20 18.17 1.50
CA TYR B 39 15.79 18.13 0.16
C TYR B 39 16.56 16.82 -0.03
N LEU B 40 17.45 16.53 0.92
CA LEU B 40 18.34 15.35 0.79
C LEU B 40 17.61 14.04 0.91
N LEU B 41 16.69 13.93 1.87
CA LEU B 41 15.87 12.77 2.04
C LEU B 41 14.98 12.43 0.86
N PHE B 42 14.45 13.45 0.19
CA PHE B 42 13.62 13.17 -0.94
C PHE B 42 14.49 12.62 -2.07
N LEU B 43 15.73 13.11 -2.16
CA LEU B 43 16.70 12.62 -3.16
C LEU B 43 17.14 11.18 -2.88
N LYS B 44 17.46 10.84 -1.63
CA LYS B 44 17.76 9.46 -1.25
C LYS B 44 16.62 8.51 -1.52
N ASP B 46 14.29 8.68 -3.65
CA ASP B 46 14.05 8.44 -5.08
C ASP B 46 15.01 7.40 -5.57
N ALA B 47 16.25 7.45 -5.08
CA ALA B 47 17.24 6.40 -5.37
C ALA B 47 16.85 5.00 -4.86
N GLU B 48 16.27 4.94 -3.65
CA GLU B 48 15.82 3.71 -3.05
C GLU B 48 14.69 3.12 -3.85
N ASN B 49 13.93 3.97 -4.52
CA ASN B 49 12.76 3.56 -5.29
C ASN B 49 13.13 2.96 -6.63
N VAL B 50 14.14 3.53 -7.27
CA VAL B 50 14.75 2.92 -8.44
C VAL B 50 15.31 1.54 -8.07
N GLU B 51 16.11 1.52 -7.00
CA GLU B 51 16.75 0.33 -6.50
C GLU B 51 15.79 -0.79 -6.04
N PHE B 53 12.06 -0.88 -6.80
CA PHE B 53 10.96 -1.19 -7.69
C PHE B 53 11.32 -1.01 -9.16
N GLY B 54 12.61 -1.02 -9.51
CA GLY B 54 13.06 -0.84 -10.90
C GLY B 54 12.41 0.29 -11.74
N GLU B 55 11.89 1.33 -11.09
CA GLU B 55 11.28 2.45 -11.83
C GLU B 55 12.40 3.31 -12.41
N GLU B 56 12.10 4.10 -13.45
CA GLU B 56 12.98 5.23 -13.85
C GLU B 56 12.97 6.18 -12.68
N SER B 57 13.67 7.30 -12.79
CA SER B 57 13.79 8.24 -11.67
C SER B 57 13.14 9.60 -11.84
N ALA B 58 13.15 10.13 -13.07
CA ALA B 58 12.74 11.57 -13.30
C ALA B 58 13.75 12.61 -12.75
N ILE B 59 14.56 12.21 -11.74
CA ILE B 59 15.81 12.92 -11.36
C ILE B 59 16.92 12.58 -12.38
N PRO B 60 17.51 13.61 -13.00
CA PRO B 60 18.34 13.27 -14.15
C PRO B 60 19.71 12.70 -13.80
N THR B 61 20.23 11.83 -14.64
CA THR B 61 21.56 11.28 -14.41
C THR B 61 22.61 12.41 -14.23
N GLY B 62 23.57 12.15 -13.34
CA GLY B 62 24.61 13.12 -12.97
C GLY B 62 24.30 13.87 -11.68
N TYR B 63 23.00 14.07 -11.38
CA TYR B 63 22.51 14.79 -10.20
C TYR B 63 21.63 13.97 -9.24
N GLN B 64 21.87 12.67 -9.21
CA GLN B 64 21.13 11.76 -8.34
C GLN B 64 21.86 11.58 -7.02
N TRP B 65 21.26 10.83 -6.10
CA TRP B 65 21.87 10.61 -4.80
C TRP B 65 23.30 10.07 -4.91
N ALA B 66 23.47 9.01 -5.70
CA ALA B 66 24.78 8.34 -5.81
C ALA B 66 25.86 9.33 -6.26
N ASP B 67 25.48 10.26 -7.12
CA ASP B 67 26.38 11.31 -7.57
C ASP B 67 26.81 12.29 -6.44
N LEU B 68 25.85 12.75 -5.62
CA LEU B 68 26.11 13.70 -4.55
C LEU B 68 27.06 13.13 -3.50
N ILE B 69 26.95 11.82 -3.19
CA ILE B 69 27.74 11.21 -2.11
C ILE B 69 29.19 11.00 -2.54
N ALA B 70 29.49 11.15 -3.82
CA ALA B 70 30.86 11.01 -4.29
C ALA B 70 31.72 12.26 -4.14
N PHE B 71 31.16 13.36 -3.67
CA PHE B 71 31.85 14.64 -3.60
C PHE B 71 32.17 15.02 -2.17
N ASP B 72 33.21 15.82 -2.03
CA ASP B 72 33.60 16.44 -0.76
C ASP B 72 33.97 17.89 -0.98
N GLY B 73 34.06 18.62 0.13
CA GLY B 73 34.57 19.96 0.10
C GLY B 73 33.68 20.93 -0.61
N LEU B 74 34.32 21.85 -1.32
CA LEU B 74 33.65 22.90 -2.04
C LEU B 74 32.99 22.32 -3.27
N ASP B 75 33.61 21.29 -3.83
CA ASP B 75 33.02 20.54 -4.93
C ASP B 75 31.65 19.96 -4.58
N LEU B 76 31.50 19.44 -3.36
CA LEU B 76 30.24 18.94 -2.82
C LEU B 76 29.18 20.01 -2.73
N VAL B 77 29.57 21.21 -2.28
CA VAL B 77 28.61 22.30 -2.11
C VAL B 77 28.12 22.78 -3.47
N LYS B 78 29.04 22.89 -4.44
CA LYS B 78 28.69 23.19 -5.82
C LYS B 78 27.75 22.12 -6.44
N GLN B 79 28.07 20.84 -6.25
CA GLN B 79 27.22 19.77 -6.77
C GLN B 79 25.85 19.83 -6.15
N TYR B 80 25.79 20.00 -4.84
CA TYR B 80 24.53 20.15 -4.11
C TYR B 80 23.70 21.31 -4.64
N GLU B 81 24.35 22.44 -4.86
CA GLU B 81 23.59 23.65 -5.24
C GLU B 81 23.08 23.53 -6.64
N GLU B 82 23.89 22.94 -7.50
CA GLU B 82 23.47 22.64 -8.87
C GLU B 82 22.34 21.57 -8.94
N THR B 83 22.41 20.57 -8.06
CA THR B 83 21.32 19.61 -7.91
C THR B 83 20.02 20.32 -7.51
N LEU B 84 20.08 21.17 -6.47
CA LEU B 84 18.90 21.93 -6.02
C LEU B 84 18.26 22.78 -7.12
N LYS B 85 19.09 23.41 -7.93
CA LYS B 85 18.61 24.28 -9.02
C LYS B 85 17.96 23.44 -10.12
N LEU B 86 18.63 22.39 -10.51
CA LEU B 86 18.05 21.54 -11.53
C LEU B 86 16.66 21.00 -11.12
N LEU B 87 16.56 20.46 -9.90
CA LEU B 87 15.32 19.86 -9.37
C LEU B 87 14.23 20.92 -9.23
N SER B 88 14.62 22.17 -9.00
CA SER B 88 13.64 23.22 -8.75
C SER B 88 12.94 23.61 -10.02
N GLU B 89 13.56 23.25 -11.16
CA GLU B 89 13.05 23.52 -12.50
C GLU B 89 12.21 22.35 -13.05
N LEU B 90 12.07 21.28 -12.29
CA LEU B 90 11.14 20.22 -12.66
C LEU B 90 9.73 20.61 -12.20
N ASP B 91 8.72 19.79 -12.53
CA ASP B 91 7.36 20.14 -12.12
C ASP B 91 6.69 19.00 -11.33
N ASN B 92 5.39 19.15 -11.08
CA ASN B 92 4.64 18.25 -10.23
C ASN B 92 5.36 18.13 -8.89
N LEU B 93 5.25 16.99 -8.23
CA LEU B 93 5.76 16.87 -6.85
C LEU B 93 7.20 17.34 -6.63
N ILE B 94 8.12 16.90 -7.50
CA ILE B 94 9.54 17.24 -7.33
C ILE B 94 9.75 18.73 -7.34
N GLY B 95 9.14 19.39 -8.30
CA GLY B 95 9.23 20.82 -8.42
C GLY B 95 8.72 21.54 -7.19
N THR B 96 7.72 20.98 -6.53
CA THR B 96 7.18 21.58 -5.29
C THR B 96 8.14 21.39 -4.09
N ILE B 97 8.64 20.16 -3.91
CA ILE B 97 9.66 19.88 -2.88
C ILE B 97 10.83 20.86 -2.95
N TYR B 98 11.26 21.14 -4.17
CA TYR B 98 12.43 21.98 -4.41
C TYR B 98 12.11 23.44 -4.81
N THR B 99 10.90 23.90 -4.46
CA THR B 99 10.47 25.29 -4.67
C THR B 99 11.55 26.29 -4.31
N LYS B 100 12.02 27.04 -5.30
CA LYS B 100 13.09 27.97 -5.10
C LYS B 100 14.18 27.37 -4.21
N ALA B 101 14.59 26.13 -4.46
CA ALA B 101 15.47 25.48 -3.51
C ALA B 101 16.75 26.26 -3.28
N GLN B 102 17.16 26.33 -2.00
CA GLN B 102 18.35 27.08 -1.58
C GLN B 102 19.09 26.40 -0.47
N ASN B 103 20.37 26.15 -0.70
CA ASN B 103 21.28 25.59 0.29
C ASN B 103 21.56 26.66 1.29
N LYS B 104 21.47 26.32 2.59
CA LYS B 104 21.92 27.18 3.69
C LYS B 104 23.05 26.56 4.53
N ILE B 105 23.66 25.47 4.10
CA ILE B 105 24.88 24.96 4.69
C ILE B 105 26.11 25.15 3.77
N ASP B 106 26.90 26.18 4.05
CA ASP B 106 28.10 26.49 3.24
C ASP B 106 29.40 25.93 3.82
N LYS B 107 29.32 25.25 4.97
CA LYS B 107 30.44 24.46 5.48
C LYS B 107 30.31 22.98 5.04
N PRO B 108 31.11 22.54 4.05
CA PRO B 108 31.14 21.17 3.52
C PRO B 108 31.15 20.01 4.48
N VAL B 109 31.78 20.16 5.64
CA VAL B 109 31.93 19.04 6.55
C VAL B 109 30.61 18.77 7.22
N TYR B 110 29.87 19.84 7.48
CA TYR B 110 28.57 19.72 8.11
C TYR B 110 27.47 19.33 7.08
N LEU B 111 27.58 19.82 5.85
CA LEU B 111 26.73 19.34 4.80
C LEU B 111 26.88 17.80 4.65
N LYS B 112 28.13 17.34 4.58
CA LYS B 112 28.46 15.92 4.45
C LYS B 112 27.94 15.08 5.62
N LYS B 113 27.98 15.65 6.83
CA LYS B 113 27.43 14.96 7.99
C LYS B 113 25.97 14.67 7.79
N VAL B 114 25.19 15.64 7.28
CA VAL B 114 23.75 15.37 7.05
C VAL B 114 23.58 14.31 5.95
N ILE B 115 24.36 14.41 4.89
CA ILE B 115 24.34 13.47 3.77
C ILE B 115 24.75 12.08 4.24
N THR B 116 25.87 11.99 4.94
CA THR B 116 26.29 10.71 5.53
C THR B 116 25.22 10.09 6.37
N ILE B 118 21.82 10.60 6.25
CA ILE B 118 20.75 10.07 5.37
C ILE B 118 21.20 8.79 4.68
N ASP B 119 22.43 8.78 4.19
CA ASP B 119 22.92 7.67 3.37
C ASP B 119 22.96 6.34 4.13
N GLU B 120 23.25 6.40 5.42
CA GLU B 120 23.35 5.22 6.29
C GLU B 120 22.06 4.55 6.76
N GLU B 121 20.91 5.12 6.42
CA GLU B 121 19.61 4.53 6.71
C GLU B 121 18.88 4.12 5.44
N GLN B 122 17.86 3.29 5.63
CA GLN B 122 17.08 2.75 4.54
C GLN B 122 15.62 3.20 4.66
N TRP B 123 15.31 4.38 4.11
CA TRP B 123 14.05 5.07 4.38
C TRP B 123 12.77 4.48 3.76
N LEU B 124 12.82 3.96 2.54
CA LEU B 124 11.65 3.34 1.89
C LEU B 124 11.23 1.99 2.49
N ILE B 125 12.14 1.31 3.19
CA ILE B 125 11.75 0.10 3.92
C ILE B 125 11.28 0.40 5.35
N ASP B 127 8.27 1.42 7.92
CA ASP B 127 6.89 1.67 8.32
C ASP B 127 6.44 3.08 7.94
N GLY B 128 5.42 3.17 7.09
CA GLY B 128 4.92 4.46 6.59
C GLY B 128 4.37 5.40 7.65
N ASP B 129 3.84 4.82 8.72
CA ASP B 129 3.28 5.58 9.82
C ASP B 129 4.43 6.23 10.60
N VAL B 130 5.52 5.50 10.77
CA VAL B 130 6.70 5.99 11.49
C VAL B 130 7.35 7.20 10.78
N LYS B 131 7.52 7.13 9.47
CA LYS B 131 8.10 8.26 8.72
C LYS B 131 7.23 9.51 8.79
N GLY B 132 5.93 9.35 8.59
CA GLY B 132 5.01 10.45 8.79
C GLY B 132 5.08 11.01 10.21
N ALA B 133 5.18 10.12 11.21
CA ALA B 133 5.14 10.48 12.63
C ALA B 133 6.40 11.20 13.11
N ILE B 134 7.56 10.70 12.70
CA ILE B 134 8.85 11.34 12.95
C ILE B 134 8.89 12.77 12.41
N TYR B 135 8.45 12.93 11.18
CA TYR B 135 8.41 14.26 10.55
C TYR B 135 7.43 15.18 11.29
N GLU B 136 6.21 14.71 11.53
CA GLU B 136 5.28 15.53 12.31
C GLU B 136 5.91 15.90 13.66
N SER B 137 6.47 14.91 14.35
CA SER B 137 7.06 15.17 15.67
C SER B 137 8.20 16.22 15.64
N ILE B 138 9.05 16.19 14.63
CA ILE B 138 10.10 17.19 14.57
C ILE B 138 9.58 18.61 14.16
N LEU B 139 8.48 18.67 13.41
CA LEU B 139 7.91 19.96 13.02
C LEU B 139 7.34 20.62 14.25
N GLU B 140 6.72 19.79 15.07
CA GLU B 140 6.10 20.25 16.30
C GLU B 140 7.13 20.72 17.36
N LYS B 141 8.16 19.92 17.63
CA LYS B 141 9.32 20.37 18.45
C LYS B 141 9.84 21.75 18.04
N ASN B 142 10.25 21.91 16.80
CA ASN B 142 10.72 23.19 16.23
C ASN B 142 9.64 24.33 16.33
N GLY B 143 8.39 24.01 16.02
CA GLY B 143 7.30 24.98 16.06
C GLY B 143 6.82 25.42 17.43
N GLN B 144 7.30 24.77 18.48
CA GLN B 144 6.99 25.14 19.87
C GLN B 144 8.23 25.49 20.66
N ASP B 145 9.33 25.69 19.95
CA ASP B 145 10.56 26.20 20.51
C ASP B 145 10.56 27.72 20.20
N LYS B 146 10.52 28.54 21.24
CA LYS B 146 10.56 29.99 21.17
C LYS B 146 11.83 30.53 20.57
N LYS B 147 12.91 29.79 20.74
CA LYS B 147 14.17 30.26 20.19
C LYS B 147 14.37 29.95 18.70
N SER B 148 13.58 29.02 18.11
CA SER B 148 13.74 28.66 16.68
C SER B 148 13.15 29.67 15.70
N GLY B 149 12.13 30.39 16.11
CA GLY B 149 11.40 31.28 15.24
C GLY B 149 10.36 30.53 14.41
N ALA B 150 10.43 29.19 14.44
CA ALA B 150 9.59 28.37 13.59
C ALA B 150 8.10 28.33 13.94
N GLY B 151 7.73 28.85 15.10
CA GLY B 151 6.35 28.85 15.55
C GLY B 151 5.41 29.62 14.66
N GLN B 152 5.96 30.63 13.98
CA GLN B 152 5.22 31.39 12.98
C GLN B 152 4.72 30.53 11.85
N TYR B 153 5.35 29.38 11.61
CA TYR B 153 4.99 28.44 10.54
C TYR B 153 4.16 27.20 11.01
N PHE B 154 3.59 27.23 12.21
CA PHE B 154 2.99 26.08 12.84
C PHE B 154 1.65 26.41 13.55
N THR B 155 0.80 25.40 13.74
CA THR B 155 -0.40 25.48 14.58
C THR B 155 -0.49 24.22 15.38
N PRO B 156 -0.80 24.34 16.67
CA PRO B 156 -0.81 23.14 17.48
C PRO B 156 -1.93 22.20 17.05
N ARG B 157 -1.65 20.90 16.96
CA ARG B 157 -2.60 19.96 16.31
C ARG B 157 -3.91 19.72 17.05
N PRO B 158 -3.89 19.73 18.39
CA PRO B 158 -5.15 19.59 19.12
C PRO B 158 -6.24 20.58 18.76
N LEU B 159 -5.83 21.84 18.54
CA LEU B 159 -6.68 22.89 18.02
C LEU B 159 -7.14 22.64 16.57
N ILE B 160 -6.22 22.21 15.71
CA ILE B 160 -6.58 21.86 14.33
C ILE B 160 -7.71 20.79 14.34
N GLN B 161 -7.55 19.78 15.18
CA GLN B 161 -8.42 18.61 15.19
C GLN B 161 -9.82 18.98 15.68
N ALA B 162 -9.90 19.80 16.72
CA ALA B 162 -11.16 20.34 17.20
C ALA B 162 -11.87 21.19 16.12
N VAL B 164 -11.44 20.98 12.75
CA VAL B 164 -11.87 20.13 11.65
C VAL B 164 -13.09 19.32 12.07
N ASP B 165 -13.14 18.91 13.33
CA ASP B 165 -14.28 18.14 13.84
C ASP B 165 -15.54 18.96 13.79
N CYS B 166 -15.43 20.21 14.22
CA CYS B 166 -16.53 21.16 14.22
C CYS B 166 -17.00 21.54 12.82
N ILE B 167 -16.04 21.78 11.92
CA ILE B 167 -16.35 22.09 10.52
C ILE B 167 -16.88 20.84 9.78
N ASN B 168 -16.42 19.65 10.16
CA ASN B 168 -16.96 18.39 9.63
C ASN B 168 -16.94 18.30 8.10
N PRO B 169 -15.74 18.42 7.50
CA PRO B 169 -15.60 18.39 6.05
C PRO B 169 -16.02 17.03 5.45
N GLN B 170 -16.70 17.08 4.32
CA GLN B 170 -17.25 15.89 3.69
C GLN B 170 -16.54 15.66 2.40
N GLY B 172 -15.56 15.14 -1.36
CA GLY B 172 -16.07 15.83 -2.57
C GLY B 172 -16.13 17.34 -2.43
N GLU B 173 -16.09 17.82 -1.19
CA GLU B 173 -15.95 19.24 -0.90
C GLU B 173 -14.53 19.63 -1.16
N THR B 174 -14.33 20.90 -1.52
CA THR B 174 -12.99 21.49 -1.60
C THR B 174 -12.60 22.17 -0.30
N VAL B 175 -11.36 21.93 0.12
CA VAL B 175 -10.79 22.52 1.34
C VAL B 175 -9.55 23.31 0.99
N CYS B 176 -9.50 24.59 1.39
CA CYS B 176 -8.34 25.41 1.14
C CYS B 176 -7.84 26.03 2.42
N ASP B 177 -6.51 25.97 2.61
CA ASP B 177 -5.77 26.75 3.63
C ASP B 177 -4.81 27.71 2.95
N PRO B 178 -5.18 29.01 2.86
CA PRO B 178 -4.37 30.00 2.11
C PRO B 178 -3.15 30.57 2.86
N ALA B 179 -2.79 29.96 3.98
CA ALA B 179 -1.62 30.32 4.76
C ALA B 179 -1.18 29.02 5.43
N CYS B 180 -0.73 28.07 4.62
CA CYS B 180 -0.86 26.65 5.05
C CYS B 180 0.21 26.08 6.01
N GLY B 181 1.32 26.80 6.20
CA GLY B 181 2.41 26.34 7.06
C GLY B 181 2.83 24.93 6.75
N THR B 182 2.96 24.10 7.79
CA THR B 182 3.34 22.69 7.64
C THR B 182 2.28 21.79 7.05
N GLY B 183 1.08 22.33 6.80
CA GLY B 183 0.02 21.56 6.10
C GLY B 183 -0.93 20.81 7.01
N GLY B 184 -0.91 21.13 8.30
CA GLY B 184 -1.68 20.41 9.32
C GLY B 184 -3.17 20.52 9.23
N PHE B 185 -3.72 21.65 8.78
CA PHE B 185 -5.18 21.67 8.48
C PHE B 185 -5.52 20.71 7.34
N LEU B 186 -4.71 20.72 6.29
CA LEU B 186 -4.94 19.85 5.10
C LEU B 186 -4.77 18.38 5.40
N LEU B 187 -3.73 18.05 6.16
CA LEU B 187 -3.51 16.66 6.61
C LEU B 187 -4.67 16.18 7.46
N THR B 188 -5.06 17.00 8.42
CA THR B 188 -6.11 16.59 9.34
C THR B 188 -7.48 16.53 8.68
N ALA B 189 -7.75 17.46 7.76
CA ALA B 189 -9.02 17.44 6.98
C ALA B 189 -9.14 16.19 6.11
N TYR B 190 -8.04 15.84 5.46
CA TYR B 190 -7.96 14.68 4.59
C TYR B 190 -8.28 13.38 5.33
N ASP B 191 -7.64 13.19 6.47
CA ASP B 191 -7.81 11.97 7.27
C ASP B 191 -9.20 11.93 7.85
N TYR B 192 -9.79 13.09 8.08
CA TYR B 192 -11.15 13.15 8.56
C TYR B 192 -12.11 12.63 7.47
N LYS B 194 -11.09 10.86 4.49
CA LYS B 194 -10.64 9.58 3.93
C LYS B 194 -11.39 8.39 4.49
N GLY B 195 -11.76 8.46 5.76
CA GLY B 195 -12.50 7.38 6.40
C GLY B 195 -13.99 7.35 6.12
N GLN B 196 -14.48 8.29 5.31
CA GLN B 196 -15.92 8.34 5.04
C GLN B 196 -16.33 7.39 3.94
N SER B 197 -17.65 7.16 3.86
CA SER B 197 -18.27 6.50 2.73
C SER B 197 -18.99 7.54 1.87
N ALA B 198 -18.89 7.44 0.54
CA ALA B 198 -17.81 6.72 -0.13
C ALA B 198 -17.54 7.33 -1.52
N SER B 199 -17.93 6.61 -2.56
CA SER B 199 -17.09 6.51 -3.74
C SER B 199 -17.84 6.94 -4.97
N LYS B 200 -17.27 6.71 -6.15
CA LYS B 200 -15.85 6.41 -6.38
C LYS B 200 -15.24 7.57 -7.13
N GLU B 201 -16.12 8.40 -7.67
CA GLU B 201 -15.75 9.69 -8.21
C GLU B 201 -15.42 10.65 -7.03
N LYS B 202 -15.97 10.35 -5.85
CA LYS B 202 -15.78 11.13 -4.62
C LYS B 202 -14.42 10.83 -3.98
N ARG B 203 -13.90 9.62 -4.20
CA ARG B 203 -12.59 9.24 -3.67
C ARG B 203 -11.54 9.80 -4.59
N ASP B 204 -11.79 9.68 -5.89
CA ASP B 204 -10.94 10.32 -6.89
C ASP B 204 -10.94 11.84 -6.66
N PHE B 205 -12.09 12.42 -6.32
CA PHE B 205 -12.12 13.86 -5.98
C PHE B 205 -11.26 14.15 -4.75
N LEU B 206 -11.35 13.30 -3.73
CA LEU B 206 -10.54 13.45 -2.54
C LEU B 206 -9.03 13.38 -2.89
N ARG B 207 -8.64 12.43 -3.74
CA ARG B 207 -7.22 12.23 -4.07
C ARG B 207 -6.59 13.35 -4.89
N ASP B 208 -7.34 13.92 -5.83
CA ASP B 208 -6.76 14.76 -6.89
C ASP B 208 -7.32 16.18 -6.98
N LYS B 209 -8.39 16.49 -6.29
CA LYS B 209 -9.03 17.79 -6.47
C LYS B 209 -9.33 18.54 -5.16
N ALA B 210 -9.52 17.81 -4.06
CA ALA B 210 -10.13 18.38 -2.87
C ALA B 210 -9.29 19.48 -2.24
N LEU B 211 -7.98 19.26 -2.13
CA LEU B 211 -7.09 20.09 -1.26
C LEU B 211 -6.31 21.15 -2.00
N HIS B 212 -6.10 22.25 -1.30
CA HIS B 212 -5.26 23.33 -1.79
C HIS B 212 -4.69 24.07 -0.58
N GLY B 213 -3.39 24.23 -0.59
CA GLY B 213 -2.67 25.00 0.43
C GLY B 213 -1.84 26.00 -0.29
N VAL B 214 -1.83 27.22 0.23
CA VAL B 214 -0.94 28.27 -0.29
C VAL B 214 -0.08 28.77 0.88
N ASP B 215 1.22 28.95 0.63
CA ASP B 215 2.15 29.64 1.54
C ASP B 215 3.14 30.44 0.72
N ASN B 216 3.52 31.63 1.17
CA ASN B 216 4.40 32.52 0.41
C ASN B 216 5.88 32.32 0.63
N THR B 217 6.23 31.35 1.49
CA THR B 217 7.62 31.12 1.92
C THR B 217 8.10 29.76 1.38
N PRO B 218 9.02 29.77 0.42
CA PRO B 218 9.51 28.54 -0.23
C PRO B 218 9.87 27.35 0.68
N LEU B 219 10.59 27.58 1.77
CA LEU B 219 11.01 26.47 2.62
C LEU B 219 9.81 25.82 3.28
N VAL B 220 8.76 26.60 3.44
CA VAL B 220 7.56 26.12 4.12
C VAL B 220 6.73 25.27 3.19
N VAL B 221 6.75 25.65 1.91
CA VAL B 221 6.15 24.85 0.87
C VAL B 221 6.82 23.46 0.73
N THR B 222 8.13 23.44 0.91
CA THR B 222 8.95 22.22 0.93
C THR B 222 8.51 21.31 2.08
N LEU B 223 8.42 21.89 3.27
CA LEU B 223 8.07 21.09 4.45
C LEU B 223 6.62 20.55 4.36
N ALA B 224 5.69 21.39 3.92
CA ALA B 224 4.29 21.01 3.77
C ALA B 224 4.12 19.93 2.70
N SER B 225 4.69 20.16 1.52
CA SER B 225 4.59 19.18 0.44
C SER B 225 5.18 17.81 0.84
N ASN B 227 5.53 16.71 4.09
CA ASN B 227 4.69 16.22 5.17
C ASN B 227 3.49 15.48 4.64
N LEU B 228 2.84 16.07 3.66
CA LEU B 228 1.68 15.42 3.00
C LEU B 228 2.11 14.13 2.28
N TYR B 229 3.17 14.24 1.50
CA TYR B 229 3.71 13.12 0.76
C TYR B 229 3.96 11.89 1.65
N LEU B 230 4.61 12.12 2.79
CA LEU B 230 4.94 11.05 3.73
C LEU B 230 3.72 10.51 4.44
N HIS B 231 2.62 11.28 4.40
CA HIS B 231 1.34 10.82 4.95
C HIS B 231 0.44 10.18 3.88
N GLY B 232 0.96 10.08 2.65
CA GLY B 232 0.31 9.38 1.56
C GLY B 232 -0.70 10.28 0.87
N ILE B 233 -0.34 11.53 0.67
CA ILE B 233 -1.20 12.54 0.05
C ILE B 233 -0.34 13.29 -0.97
N GLY B 234 -0.83 13.42 -2.19
CA GLY B 234 -0.19 14.36 -3.13
C GLY B 234 1.14 13.82 -3.60
N THR B 235 1.05 12.60 -4.15
CA THR B 235 2.17 11.73 -4.47
C THR B 235 2.72 11.88 -5.91
N ASP B 236 1.83 12.27 -6.84
CA ASP B 236 2.21 12.67 -8.19
C ASP B 236 2.40 14.21 -8.22
N ARG B 237 1.36 14.95 -7.84
CA ARG B 237 1.44 16.40 -7.72
C ARG B 237 1.01 16.79 -6.30
N SER B 238 1.60 17.86 -5.77
CA SER B 238 1.30 18.30 -4.41
C SER B 238 0.11 19.25 -4.41
N PRO B 239 -0.72 19.25 -3.36
CA PRO B 239 -1.76 20.31 -3.23
C PRO B 239 -1.29 21.72 -2.81
N ILE B 240 0.01 21.87 -2.58
CA ILE B 240 0.62 23.08 -2.03
C ILE B 240 1.26 23.89 -3.15
N VAL B 241 0.98 25.19 -3.16
CA VAL B 241 1.58 26.14 -4.09
C VAL B 241 2.24 27.27 -3.30
N CYS B 242 3.29 27.84 -3.88
CA CYS B 242 3.98 28.96 -3.25
C CYS B 242 3.50 30.26 -3.85
N GLU B 243 2.73 31.03 -3.08
CA GLU B 243 2.17 32.31 -3.58
C GLU B 243 1.87 33.22 -2.42
N ASP B 244 1.78 34.50 -2.73
CA ASP B 244 1.26 35.50 -1.80
C ASP B 244 -0.28 35.57 -1.96
N SER B 245 -0.99 35.03 -0.97
CA SER B 245 -2.47 34.91 -0.98
C SER B 245 -3.19 36.21 -1.19
N LEU B 246 -2.69 37.25 -0.50
CA LEU B 246 -3.25 38.59 -0.62
C LEU B 246 -3.07 39.28 -1.97
N GLU B 247 -2.22 38.76 -2.84
CA GLU B 247 -1.80 39.49 -4.03
C GLU B 247 -2.89 39.57 -5.08
N LYS B 248 -3.58 38.44 -5.29
CA LYS B 248 -4.57 38.34 -6.36
C LYS B 248 -5.94 37.94 -5.84
N GLU B 249 -6.96 38.53 -6.47
CA GLU B 249 -8.36 38.06 -6.47
C GLU B 249 -8.36 36.55 -6.64
N PRO B 250 -9.12 35.83 -5.81
CA PRO B 250 -9.14 34.36 -5.89
C PRO B 250 -9.80 33.86 -7.19
N SER B 251 -9.14 32.99 -7.95
CA SER B 251 -9.67 32.55 -9.26
C SER B 251 -10.82 31.59 -9.10
N THR B 252 -10.73 30.74 -8.10
CA THR B 252 -11.71 29.70 -7.83
C THR B 252 -12.27 29.95 -6.43
N LEU B 253 -13.55 29.64 -6.22
CA LEU B 253 -14.16 29.69 -4.87
C LEU B 253 -14.26 28.27 -4.26
N VAL B 254 -14.20 28.17 -2.93
CA VAL B 254 -14.14 26.89 -2.22
C VAL B 254 -15.29 26.63 -1.24
N ASP B 255 -15.53 25.35 -0.94
CA ASP B 255 -16.58 24.98 0.04
C ASP B 255 -16.15 25.27 1.46
N VAL B 256 -14.86 25.10 1.74
CA VAL B 256 -14.37 25.08 3.10
C VAL B 256 -13.01 25.75 3.19
N ILE B 257 -12.86 26.60 4.21
CA ILE B 257 -11.57 27.16 4.59
C ILE B 257 -11.21 26.78 6.03
N LEU B 258 -9.98 26.31 6.18
CA LEU B 258 -9.35 26.08 7.50
C LEU B 258 -8.03 26.80 7.45
N ALA B 259 -7.72 27.65 8.44
CA ALA B 259 -6.50 28.45 8.41
C ALA B 259 -6.16 29.08 9.73
N ASN B 260 -4.85 29.28 9.94
CA ASN B 260 -4.27 30.08 11.00
C ASN B 260 -3.34 31.02 10.28
N PRO B 261 -3.88 32.14 9.77
CA PRO B 261 -3.02 33.15 9.12
C PRO B 261 -1.91 33.70 10.06
N PRO B 262 -0.91 34.40 9.50
CA PRO B 262 0.16 34.99 10.33
C PRO B 262 -0.39 35.90 11.44
N PHE B 263 0.18 35.79 12.64
CA PHE B 263 -0.06 36.76 13.70
C PHE B 263 0.70 38.04 13.47
N GLY B 264 1.81 37.97 12.73
CA GLY B 264 2.71 39.08 12.56
C GLY B 264 2.34 39.99 11.42
N THR B 265 3.16 41.03 11.22
CA THR B 265 2.96 42.02 10.20
C THR B 265 3.48 41.52 8.84
N ARG B 266 2.98 42.15 7.79
CA ARG B 266 3.51 41.98 6.44
C ARG B 266 4.89 42.67 6.36
N PRO B 267 5.94 41.93 5.94
CA PRO B 267 7.27 42.54 5.89
C PRO B 267 7.30 43.74 4.96
N ALA B 268 7.87 44.85 5.42
CA ALA B 268 8.05 46.03 4.57
C ALA B 268 9.06 45.70 3.49
N GLY B 269 8.73 46.14 2.27
CA GLY B 269 9.46 45.71 1.10
C GLY B 269 8.64 44.73 0.29
N SER B 270 7.53 44.25 0.86
CA SER B 270 6.61 43.38 0.16
C SER B 270 5.94 44.23 -0.90
N VAL B 271 5.48 43.58 -1.96
CA VAL B 271 4.76 44.28 -3.04
C VAL B 271 3.46 44.92 -2.46
N ASP B 272 3.02 46.04 -3.04
CA ASP B 272 1.81 46.67 -2.52
C ASP B 272 0.60 45.82 -2.88
N ILE B 273 -0.33 45.70 -1.96
CA ILE B 273 -1.57 44.98 -2.21
C ILE B 273 -2.47 45.89 -3.08
N ASN B 274 -2.91 45.38 -4.22
CA ASN B 274 -3.88 46.10 -5.05
C ASN B 274 -5.04 45.16 -5.31
N ARG B 275 -6.10 45.29 -4.50
CA ARG B 275 -7.21 44.34 -4.50
C ARG B 275 -8.49 45.14 -4.52
N PRO B 276 -8.97 45.47 -5.72
CA PRO B 276 -10.22 46.21 -5.83
C PRO B 276 -11.43 45.49 -5.25
N ASP B 277 -11.33 44.15 -5.06
CA ASP B 277 -12.40 43.35 -4.41
C ASP B 277 -12.46 43.40 -2.88
N PHE B 278 -11.34 43.74 -2.24
CA PHE B 278 -11.35 44.03 -0.82
C PHE B 278 -12.42 45.05 -0.52
N TYR B 279 -13.04 44.92 0.65
CA TYR B 279 -14.12 45.86 1.10
C TYR B 279 -13.57 47.21 1.63
N VAL B 280 -12.33 47.19 2.13
CA VAL B 280 -11.73 48.32 2.74
C VAL B 280 -10.22 48.16 2.65
N GLU B 281 -9.52 49.27 2.58
CA GLU B 281 -8.09 49.31 2.53
C GLU B 281 -7.58 49.39 3.96
N THR B 282 -6.57 48.59 4.29
CA THR B 282 -5.98 48.62 5.61
C THR B 282 -4.58 48.05 5.57
N LYS B 283 -3.72 48.50 6.49
CA LYS B 283 -2.37 47.95 6.65
C LYS B 283 -2.38 46.76 7.63
N ASN B 284 -3.52 46.52 8.27
CA ASN B 284 -3.66 45.42 9.22
C ASN B 284 -3.71 44.05 8.48
N ASN B 285 -2.63 43.29 8.65
CA ASN B 285 -2.34 42.06 7.89
C ASN B 285 -3.41 41.00 8.18
N GLN B 286 -3.88 40.95 9.43
CA GLN B 286 -4.90 39.98 9.82
C GLN B 286 -6.26 40.31 9.21
N LEU B 287 -6.56 41.61 9.13
CA LEU B 287 -7.82 42.07 8.59
C LEU B 287 -7.87 41.82 7.11
N ASN B 288 -6.70 41.96 6.46
CA ASN B 288 -6.54 41.67 5.03
C ASN B 288 -6.69 40.19 4.72
N PHE B 289 -6.04 39.31 5.49
CA PHE B 289 -6.33 37.86 5.37
C PHE B 289 -7.83 37.51 5.58
N LEU B 290 -8.46 38.11 6.59
CA LEU B 290 -9.87 37.86 6.86
C LEU B 290 -10.74 38.30 5.69
N GLN B 291 -10.52 39.51 5.14
CA GLN B 291 -11.34 39.91 4.00
C GLN B 291 -11.10 39.03 2.77
N HIS B 292 -9.85 38.64 2.54
CA HIS B 292 -9.50 37.68 1.48
C HIS B 292 -10.26 36.35 1.61
N LEU B 295 -13.72 36.52 0.81
CA LEU B 295 -13.85 36.57 -0.65
C LEU B 295 -13.59 35.24 -1.34
N LEU B 297 -14.77 32.13 -0.29
CA LEU B 297 -15.90 31.19 -0.16
C LEU B 297 -16.94 31.24 -1.27
N LYS B 298 -17.39 30.07 -1.71
CA LYS B 298 -18.63 29.97 -2.53
C LYS B 298 -19.81 30.40 -1.68
N THR B 299 -20.92 30.78 -2.30
CA THR B 299 -22.14 30.98 -1.52
C THR B 299 -22.51 29.65 -0.86
N GLY B 300 -22.88 29.71 0.42
CA GLY B 300 -23.06 28.51 1.24
C GLY B 300 -21.79 27.94 1.87
N GLY B 301 -20.62 28.37 1.39
CA GLY B 301 -19.36 27.85 1.89
C GLY B 301 -19.18 28.23 3.35
N ARG B 302 -18.20 27.63 4.00
CA ARG B 302 -17.96 27.86 5.42
C ARG B 302 -16.46 27.83 5.76
N ALA B 303 -16.12 28.44 6.89
CA ALA B 303 -14.73 28.61 7.25
C ALA B 303 -14.52 28.52 8.74
N ALA B 304 -13.32 28.09 9.13
CA ALA B 304 -12.90 28.10 10.52
C ALA B 304 -11.49 28.66 10.56
N VAL B 305 -11.29 29.80 11.20
CA VAL B 305 -10.02 30.48 11.12
C VAL B 305 -9.52 31.01 12.48
N VAL B 306 -8.22 30.88 12.72
CA VAL B 306 -7.59 31.41 13.94
C VAL B 306 -7.20 32.89 13.71
N LEU B 307 -7.74 33.80 14.53
CA LEU B 307 -7.45 35.23 14.43
C LEU B 307 -7.28 35.85 15.82
N PRO B 308 -6.41 36.87 15.93
CA PRO B 308 -6.23 37.49 17.24
C PRO B 308 -7.34 38.48 17.63
N ASP B 309 -7.40 38.78 18.92
CA ASP B 309 -8.43 39.67 19.47
C ASP B 309 -8.46 40.98 18.72
N ASN B 310 -7.31 41.46 18.28
CA ASN B 310 -7.25 42.74 17.55
C ASN B 310 -8.29 42.86 16.41
N VAL B 311 -8.57 41.75 15.73
CA VAL B 311 -9.58 41.69 14.64
C VAL B 311 -11.00 41.94 15.17
N LEU B 312 -11.20 41.56 16.43
CA LEU B 312 -12.45 41.72 17.15
C LEU B 312 -12.75 43.14 17.65
N PHE B 313 -11.73 43.90 18.03
CA PHE B 313 -11.96 45.19 18.62
C PHE B 313 -11.50 46.38 17.82
N GLU B 314 -10.58 46.21 16.88
CA GLU B 314 -9.93 47.38 16.27
C GLU B 314 -10.88 48.30 15.54
N ALA B 315 -10.69 49.61 15.70
CA ALA B 315 -11.55 50.57 15.08
C ALA B 315 -11.08 50.89 13.68
N GLY B 316 -11.98 51.48 12.91
CA GLY B 316 -11.69 51.93 11.57
C GLY B 316 -12.06 50.81 10.65
N ALA B 317 -11.09 50.37 9.87
CA ALA B 317 -11.31 49.28 8.93
C ALA B 317 -11.80 47.96 9.59
N GLY B 318 -11.37 47.68 10.82
CA GLY B 318 -11.84 46.53 11.52
C GLY B 318 -13.34 46.57 11.64
N GLU B 319 -13.89 47.71 12.05
CA GLU B 319 -15.34 47.84 12.21
C GLU B 319 -16.04 47.64 10.85
N THR B 320 -15.47 48.24 9.81
CA THR B 320 -16.02 48.14 8.48
C THR B 320 -16.18 46.68 8.10
N ILE B 321 -15.12 45.91 8.28
CA ILE B 321 -15.08 44.49 7.94
C ILE B 321 -16.01 43.64 8.82
N ARG B 322 -16.03 43.87 10.14
CA ARG B 322 -16.98 43.20 11.04
C ARG B 322 -18.44 43.38 10.60
N LYS B 323 -18.81 44.62 10.27
CA LYS B 323 -20.15 44.94 9.77
C LYS B 323 -20.50 44.14 8.53
N ARG B 324 -19.59 44.06 7.57
CA ARG B 324 -19.79 43.27 6.36
C ARG B 324 -19.84 41.75 6.62
N LEU B 325 -19.05 41.29 7.59
CA LEU B 325 -19.16 39.89 8.01
C LEU B 325 -20.57 39.61 8.54
N LEU B 326 -21.04 40.47 9.44
CA LEU B 326 -22.34 40.26 10.07
C LEU B 326 -23.49 40.29 9.08
N GLN B 327 -23.31 40.98 7.96
CA GLN B 327 -24.39 41.25 7.00
CA GLN B 327 -24.40 41.24 7.02
C GLN B 327 -24.46 40.24 5.84
N ASP B 328 -23.31 39.82 5.34
CA ASP B 328 -23.27 38.91 4.20
C ASP B 328 -22.89 37.48 4.59
N PHE B 329 -22.53 37.29 5.86
CA PHE B 329 -22.12 35.98 6.39
C PHE B 329 -22.83 35.69 7.71
N ASN B 330 -22.77 34.44 8.13
CA ASN B 330 -23.30 33.99 9.40
C ASN B 330 -22.14 33.58 10.38
N LEU B 331 -21.68 34.56 11.15
CA LEU B 331 -20.72 34.35 12.21
C LEU B 331 -21.49 33.80 13.41
N HIS B 332 -21.74 32.51 13.34
CA HIS B 332 -22.50 31.84 14.38
C HIS B 332 -21.64 31.48 15.59
N THR B 333 -20.31 31.43 15.43
CA THR B 333 -19.48 30.92 16.51
C THR B 333 -18.13 31.56 16.67
N ILE B 334 -17.82 31.95 17.92
CA ILE B 334 -16.49 32.45 18.27
C ILE B 334 -16.00 31.69 19.49
N LEU B 335 -14.87 31.01 19.31
CA LEU B 335 -14.16 30.35 20.38
C LEU B 335 -13.02 31.23 20.84
N ARG B 336 -13.02 31.56 22.13
CA ARG B 336 -11.98 32.37 22.72
C ARG B 336 -10.95 31.43 23.28
N LEU B 337 -9.71 31.50 22.73
CA LEU B 337 -8.67 30.54 23.08
C LEU B 337 -7.85 30.97 24.31
N PRO B 338 -7.28 30.00 24.99
CA PRO B 338 -6.40 30.33 26.11
C PRO B 338 -5.09 31.05 25.71
N THR B 339 -4.65 32.02 26.49
CA THR B 339 -3.44 32.78 26.18
C THR B 339 -2.22 31.96 26.54
N GLY B 340 -1.21 31.90 25.68
CA GLY B 340 0.03 31.14 25.97
C GLY B 340 0.25 29.81 25.26
N ILE B 341 -0.73 29.39 24.47
CA ILE B 341 -0.63 28.12 23.76
C ILE B 341 0.16 28.19 22.44
N PHE B 342 0.58 29.40 22.03
CA PHE B 342 1.44 29.55 20.84
C PHE B 342 2.86 29.99 21.22
N TYR B 343 3.80 29.90 20.26
CA TYR B 343 5.17 30.39 20.40
C TYR B 343 5.19 31.81 20.94
N ALA B 344 4.25 32.62 20.44
CA ALA B 344 4.10 34.02 20.81
C ALA B 344 3.17 34.08 22.03
N GLN B 345 3.84 34.17 23.16
CA GLN B 345 3.32 34.17 24.55
C GLN B 345 2.08 35.01 24.83
N GLY B 346 2.09 36.22 24.26
CA GLY B 346 1.13 37.27 24.60
C GLY B 346 -0.01 37.42 23.60
N VAL B 347 0.00 36.56 22.57
CA VAL B 347 -1.07 36.62 21.57
C VAL B 347 -2.37 36.03 22.14
N LYS B 348 -3.41 36.83 22.04
CA LYS B 348 -4.72 36.48 22.39
C LYS B 348 -5.46 36.16 21.08
N ALA B 349 -5.87 34.92 20.94
CA ALA B 349 -6.35 34.39 19.70
C ALA B 349 -7.71 33.77 19.90
N ASN B 350 -8.39 33.58 18.79
CA ASN B 350 -9.77 33.09 18.75
C ASN B 350 -9.93 32.24 17.52
N VAL B 351 -11.01 31.47 17.46
CA VAL B 351 -11.43 30.82 16.21
C VAL B 351 -12.79 31.35 15.85
N LEU B 352 -12.89 31.86 14.61
CA LEU B 352 -14.13 32.35 14.03
C LEU B 352 -14.70 31.28 13.10
N PHE B 353 -15.93 30.85 13.35
CA PHE B 353 -16.61 29.94 12.43
C PHE B 353 -17.77 30.71 11.76
N PHE B 354 -17.78 30.73 10.42
CA PHE B 354 -18.85 31.41 9.69
C PHE B 354 -19.12 30.80 8.32
N SER B 355 -20.35 30.91 7.84
CA SER B 355 -20.72 30.54 6.47
C SER B 355 -21.15 31.79 5.66
N LYS B 356 -21.04 31.72 4.32
CA LYS B 356 -21.35 32.83 3.43
C LYS B 356 -22.76 32.69 2.90
N GLY B 357 -23.46 33.82 2.81
CA GLY B 357 -24.72 33.88 2.08
C GLY B 357 -25.95 34.23 2.88
N GLN B 358 -25.95 33.90 4.18
CA GLN B 358 -27.07 34.25 5.06
C GLN B 358 -26.52 35.13 6.16
N PRO B 359 -27.28 36.17 6.56
CA PRO B 359 -26.82 37.10 7.58
C PRO B 359 -26.79 36.53 9.01
N THR B 360 -25.95 37.13 9.86
CA THR B 360 -25.78 36.72 11.26
C THR B 360 -26.96 37.21 12.16
N LYS B 361 -27.54 36.28 12.92
CA LYS B 361 -28.68 36.59 13.81
C LYS B 361 -28.29 36.49 15.30
N GLU B 362 -27.50 35.47 15.62
CA GLU B 362 -26.98 35.14 16.96
C GLU B 362 -25.48 34.62 16.92
N ILE B 363 -24.66 35.09 17.87
CA ILE B 363 -23.30 34.70 17.97
C ILE B 363 -23.12 33.97 19.27
N TRP B 364 -22.74 32.69 19.15
CA TRP B 364 -22.41 31.84 20.31
C TRP B 364 -20.92 31.94 20.65
N PHE B 365 -20.64 32.49 21.83
CA PHE B 365 -19.30 32.61 22.34
C PHE B 365 -19.03 31.47 23.29
N TYR B 366 -17.91 30.77 23.04
CA TYR B 366 -17.38 29.84 24.02
C TYR B 366 -16.11 30.41 24.57
N ASP B 367 -16.08 30.64 25.87
CA ASP B 367 -14.91 31.25 26.48
C ASP B 367 -14.08 30.12 27.00
N TYR B 368 -12.91 29.88 26.37
CA TYR B 368 -11.94 28.93 26.91
C TYR B 368 -10.63 29.63 27.29
N ARG B 369 -10.75 30.78 27.95
CA ARG B 369 -9.61 31.65 28.30
C ARG B 369 -9.63 32.02 29.79
N THR B 370 -10.74 32.60 30.24
CA THR B 370 -10.86 33.11 31.60
C THR B 370 -10.70 31.98 32.55
N ASP B 371 -9.77 32.14 33.48
CA ASP B 371 -9.37 31.13 34.48
C ASP B 371 -8.83 29.80 33.91
N ILE B 372 -8.50 29.78 32.60
CA ILE B 372 -7.86 28.60 31.97
C ILE B 372 -6.35 28.84 31.91
N LYS B 373 -5.54 27.77 32.10
CA LYS B 373 -4.12 27.97 32.33
C LYS B 373 -3.19 27.15 31.45
N HIS B 374 -3.60 26.73 30.26
CA HIS B 374 -2.71 26.00 29.32
C HIS B 374 -1.57 26.86 28.80
N THR B 375 -0.38 26.29 28.76
CA THR B 375 0.77 26.99 28.17
C THR B 375 1.45 26.06 27.20
N LEU B 376 2.45 26.63 26.55
CA LEU B 376 3.18 26.01 25.48
C LEU B 376 3.94 24.84 26.00
N ALA B 377 4.60 25.04 27.14
CA ALA B 377 5.50 24.06 27.77
C ALA B 377 4.92 23.18 28.88
N THR B 378 3.89 23.65 29.57
CA THR B 378 3.35 22.96 30.74
C THR B 378 1.84 23.13 30.75
N ASN B 379 1.19 22.20 31.44
CA ASN B 379 -0.24 22.22 31.49
C ASN B 379 -0.82 22.37 30.08
N LYS B 380 -0.30 21.54 29.17
CA LYS B 380 -0.55 21.66 27.75
C LYS B 380 -1.96 21.36 27.31
N LEU B 381 -2.36 22.07 26.25
CA LEU B 381 -3.66 21.86 25.58
C LEU B 381 -3.65 20.56 24.80
N GLU B 382 -4.53 19.65 25.18
CA GLU B 382 -4.72 18.46 24.36
CA GLU B 382 -4.78 18.40 24.48
C GLU B 382 -6.17 18.44 23.84
N ARG B 383 -6.38 17.62 22.83
CA ARG B 383 -7.68 17.51 22.18
C ARG B 383 -8.86 17.36 23.19
N HIS B 384 -8.67 16.63 24.27
CA HIS B 384 -9.81 16.36 25.16
C HIS B 384 -10.26 17.60 25.94
N HIS B 385 -9.40 18.61 26.02
CA HIS B 385 -9.75 19.84 26.73
C HIS B 385 -10.77 20.62 25.95
N LEU B 386 -10.85 20.36 24.65
CA LEU B 386 -11.83 21.02 23.82
C LEU B 386 -13.12 20.23 23.60
N ASP B 387 -13.25 19.06 24.24
CA ASP B 387 -14.47 18.22 24.17
C ASP B 387 -15.78 18.96 24.47
N ASP B 388 -15.83 19.62 25.63
CA ASP B 388 -17.00 20.42 26.06
C ASP B 388 -17.41 21.50 25.05
N PHE B 389 -16.43 22.05 24.33
CA PHE B 389 -16.70 23.03 23.28
C PHE B 389 -17.26 22.36 22.02
N VAL B 390 -16.68 21.23 21.63
CA VAL B 390 -17.13 20.55 20.40
C VAL B 390 -18.58 20.09 20.59
N SER B 391 -18.90 19.68 21.81
CA SER B 391 -20.24 19.25 22.17
C SER B 391 -21.22 20.43 22.10
N CYS B 392 -20.83 21.52 22.76
CA CYS B 392 -21.50 22.78 22.67
C CYS B 392 -21.75 23.27 21.26
N TYR B 393 -20.76 23.08 20.39
CA TYR B 393 -20.81 23.54 18.99
C TYR B 393 -22.00 22.87 18.31
N ASN B 394 -22.24 21.62 18.68
CA ASN B 394 -23.31 20.83 18.09
C ASN B 394 -24.60 20.79 18.90
N ASN B 395 -24.61 21.44 20.07
CA ASN B 395 -25.85 21.61 20.82
C ASN B 395 -26.05 23.05 21.31
N ARG B 396 -26.84 23.80 20.56
CA ARG B 396 -27.02 25.22 20.75
C ARG B 396 -28.05 25.54 21.84
N VAL B 397 -27.68 25.18 23.06
CA VAL B 397 -28.43 25.51 24.25
C VAL B 397 -27.45 26.18 25.22
N GLU B 398 -27.79 27.38 25.64
CA GLU B 398 -26.92 28.15 26.52
C GLU B 398 -26.58 27.42 27.82
N ILE B 399 -25.30 27.44 28.19
CA ILE B 399 -24.89 27.02 29.52
C ILE B 399 -24.94 28.27 30.43
N TYR B 400 -24.51 29.39 29.90
CA TYR B 400 -24.72 30.65 30.62
C TYR B 400 -26.18 30.74 30.98
N ASP B 401 -26.39 31.32 32.15
CA ASP B 401 -27.68 31.78 32.62
C ASP B 401 -27.33 32.92 33.58
N ALA B 402 -27.85 34.13 33.29
CA ALA B 402 -27.72 35.23 34.25
C ALA B 402 -28.57 34.70 35.36
N GLU B 403 -28.43 35.22 36.58
CA GLU B 403 -29.28 34.71 37.68
C GLU B 403 -28.79 33.34 38.19
N ASN B 404 -28.89 32.25 37.40
CA ASN B 404 -28.57 30.87 37.87
C ASN B 404 -27.19 30.31 37.60
N ASN B 405 -26.47 30.88 36.63
CA ASN B 405 -25.18 30.32 36.21
C ASN B 405 -24.30 31.34 35.49
N PRO B 406 -24.08 32.51 36.12
CA PRO B 406 -23.45 33.61 35.38
C PRO B 406 -21.99 33.37 34.96
N GLN B 407 -21.48 32.16 35.18
CA GLN B 407 -20.13 31.83 34.78
C GLN B 407 -20.08 30.69 33.75
N GLY B 408 -21.25 30.28 33.22
CA GLY B 408 -21.31 29.28 32.12
C GLY B 408 -20.59 29.75 30.85
N ARG B 409 -19.93 28.82 30.16
CA ARG B 409 -18.93 29.17 29.14
C ARG B 409 -19.48 29.34 27.73
N TRP B 410 -20.71 28.85 27.51
CA TRP B 410 -21.42 28.89 26.23
C TRP B 410 -22.59 29.87 26.38
N ARG B 411 -22.57 30.92 25.57
CA ARG B 411 -23.57 31.99 25.70
C ARG B 411 -23.96 32.48 24.34
N LYS B 412 -25.21 32.89 24.20
CA LYS B 412 -25.75 33.35 22.92
C LYS B 412 -26.01 34.86 22.95
N TYR B 413 -25.49 35.57 21.95
CA TYR B 413 -25.73 37.00 21.84
C TYR B 413 -26.57 37.34 20.60
N PRO B 414 -27.66 38.10 20.77
CA PRO B 414 -28.38 38.59 19.59
C PRO B 414 -27.50 39.54 18.81
N VAL B 415 -27.60 39.53 17.48
CA VAL B 415 -26.74 40.39 16.64
C VAL B 415 -27.01 41.88 16.96
N ASP B 416 -28.27 42.19 17.24
CA ASP B 416 -28.70 43.40 17.95
C ASP B 416 -27.62 43.96 18.89
N GLU B 417 -27.30 43.22 19.95
CA GLU B 417 -26.39 43.71 21.00
C GLU B 417 -25.03 44.08 20.44
N ILE B 418 -24.55 43.30 19.50
CA ILE B 418 -23.23 43.50 18.90
C ILE B 418 -23.21 44.71 18.02
N ILE B 419 -24.18 44.83 17.11
CA ILE B 419 -24.33 46.06 16.29
C ILE B 419 -24.41 47.30 17.20
N ALA B 420 -25.05 47.15 18.36
CA ALA B 420 -25.15 48.22 19.36
C ALA B 420 -23.84 48.53 20.10
N ARG B 421 -22.86 47.61 20.04
CA ARG B 421 -21.60 47.79 20.77
C ARG B 421 -20.82 48.92 20.18
N ASP B 422 -20.00 49.57 21.01
CA ASP B 422 -18.98 50.52 20.55
C ASP B 422 -18.00 49.87 19.55
N LYS B 423 -17.87 50.49 18.37
CA LYS B 423 -17.00 50.04 17.28
C LYS B 423 -17.44 48.68 16.78
N THR B 424 -18.69 48.29 17.04
CA THR B 424 -19.17 46.96 16.68
C THR B 424 -18.20 45.85 17.14
N SER B 425 -17.67 46.04 18.35
CA SER B 425 -16.66 45.17 18.94
C SER B 425 -17.25 43.79 19.19
N LEU B 426 -16.46 42.78 18.83
CA LEU B 426 -16.81 41.40 19.10
C LEU B 426 -15.97 40.82 20.25
N ASP B 427 -15.17 41.69 20.88
CA ASP B 427 -14.24 41.33 21.94
C ASP B 427 -15.02 41.25 23.25
N ILE B 428 -15.74 40.13 23.41
CA ILE B 428 -16.72 39.93 24.47
C ILE B 428 -16.30 38.80 25.42
N THR B 429 -16.17 39.12 26.72
CA THR B 429 -16.26 38.15 27.83
C THR B 429 -17.32 38.58 28.87
N TRP B 430 -17.66 37.67 29.78
CA TRP B 430 -18.61 37.98 30.86
C TRP B 430 -18.22 37.31 32.20
N ILE B 431 -17.31 36.36 32.17
CA ILE B 431 -17.01 35.57 33.36
C ILE B 431 -16.13 36.37 34.35
N LYS B 432 -16.58 36.43 35.61
CA LYS B 432 -15.82 37.09 36.66
C LYS B 432 -14.63 36.19 37.13
N PRO B 433 -13.39 36.64 36.89
CA PRO B 433 -12.27 35.79 37.25
C PRO B 433 -12.18 35.48 38.76
#